data_3FAL
#
_entry.id   3FAL
#
_cell.length_a   123.212
_cell.length_b   90.002
_cell.length_c   101.311
_cell.angle_alpha   90.00
_cell.angle_beta   111.88
_cell.angle_gamma   90.00
#
_symmetry.space_group_name_H-M   'C 1 2 1'
#
loop_
_entity.id
_entity.type
_entity.pdbx_description
1 polymer 'Retinoic acid receptor RXR-alpha'
2 polymer 'Oxysterols receptor LXR-alpha'
3 non-polymer 'RETINOIC ACID'
4 non-polymer 2-{4-[butyl(3-chloro-4,5-dimethoxybenzyl)amino]phenyl}-1,1,1,3,3,3-hexafluoropropan-2-ol
5 water water
#
loop_
_entity_poly.entity_id
_entity_poly.type
_entity_poly.pdbx_seq_one_letter_code
_entity_poly.pdbx_strand_id
1 'polypeptide(L)'
;MKKGSANEDMPVERILEAELAVEPKTETYVEANMGLNPSSPNDPVTNICQAADKQLFTLVEWAKRIPHFSELPLDDQVIL
LRAGWNELLIASFSHRSIAVKDGILLATGLHVHRNSAHSAGVGAIFDRVLTELVSKMRDMQMDKTELGCLRAIVLFNPDS
KGLSNPAEVEALREKVYASLEAYCKHKYPEQPGRFAKLLLRLPALRSIGLKCLEHLFFFKLIGDTPIDTFLMEMLEAPHQ
MT
;
A,C
2 'polypeptide(L)'
;MRGSHHHHHHGMASLVPRGSVLPQLSPEQLGMIEKLVAAQQQCNRRSFSDRLRVTPWPIAPDPQSREARQQRFAHFTELA
IVSVQEIVDFAKQLPGFLQLSREDQIALLKTSAIEVMLLETSRRYNPGSESITFLKDFSYNREDFAKAGLQVEFINPIFE
FSRAMNELQLNDAEFALLIAISIFSADRPNVQDQLQVERLQHTYVEALHAYVSINHPHDPLMFPRMLMKLVSLRTLSSVH
SEQVFALRLQDKKLPPLLSEIWDVHE
;
B,D
#
loop_
_chem_comp.id
_chem_comp.type
_chem_comp.name
_chem_comp.formula
LO2 non-polymer 2-{4-[butyl(3-chloro-4,5-dimethoxybenzyl)amino]phenyl}-1,1,1,3,3,3-hexafluoropropan-2-ol 'C22 H24 Cl F6 N O3'
REA non-polymer 'RETINOIC ACID' 'C20 H28 O2'
#
# COMPACT_ATOMS: atom_id res chain seq x y z
N ASN A 7 -24.78 -31.53 -9.39
CA ASN A 7 -23.48 -32.08 -9.77
C ASN A 7 -22.38 -31.01 -9.91
N GLU A 8 -21.39 -31.29 -10.75
CA GLU A 8 -20.30 -30.36 -11.06
C GLU A 8 -20.78 -29.15 -11.86
N ASP A 9 -21.08 -28.07 -11.15
CA ASP A 9 -21.57 -26.82 -11.74
C ASP A 9 -20.41 -25.86 -11.92
N MET A 10 -19.25 -26.45 -12.21
CA MET A 10 -18.04 -25.70 -12.42
C MET A 10 -17.21 -26.50 -13.41
N PRO A 11 -17.74 -26.71 -14.62
CA PRO A 11 -17.11 -27.58 -15.62
C PRO A 11 -15.61 -27.35 -15.72
N VAL A 12 -14.84 -28.40 -15.51
CA VAL A 12 -13.40 -28.33 -15.70
C VAL A 12 -13.07 -28.17 -17.17
N GLU A 13 -14.05 -28.48 -18.01
CA GLU A 13 -13.91 -28.32 -19.45
C GLU A 13 -13.78 -26.82 -19.78
N ARG A 14 -14.79 -26.05 -19.40
CA ARG A 14 -14.76 -24.60 -19.52
C ARG A 14 -13.50 -23.98 -18.89
N ILE A 15 -13.13 -24.42 -17.69
CA ILE A 15 -11.99 -23.84 -16.99
C ILE A 15 -10.71 -24.03 -17.80
N LEU A 16 -10.58 -25.23 -18.35
CA LEU A 16 -9.42 -25.58 -19.16
C LEU A 16 -9.46 -24.79 -20.47
N GLU A 17 -10.65 -24.55 -20.96
CA GLU A 17 -10.82 -23.76 -22.16
C GLU A 17 -10.19 -22.40 -21.92
N ALA A 18 -10.64 -21.72 -20.87
CA ALA A 18 -10.13 -20.38 -20.52
C ALA A 18 -8.62 -20.35 -20.45
N GLU A 19 -8.04 -21.37 -19.83
CA GLU A 19 -6.59 -21.46 -19.74
C GLU A 19 -6.00 -21.49 -21.14
N LEU A 20 -6.65 -22.24 -22.02
CA LEU A 20 -6.25 -22.38 -23.41
C LEU A 20 -6.38 -21.06 -24.17
N ALA A 21 -7.50 -20.37 -23.95
CA ALA A 21 -7.79 -19.09 -24.59
C ALA A 21 -6.64 -18.08 -24.52
N VAL A 22 -5.73 -18.27 -23.56
CA VAL A 22 -4.59 -17.37 -23.42
C VAL A 22 -3.28 -18.13 -23.27
N ASP A 43 16.69 -4.91 -18.76
CA ASP A 43 17.01 -5.74 -17.62
C ASP A 43 16.20 -7.04 -17.62
N PRO A 44 16.65 -8.02 -16.83
CA PRO A 44 15.84 -9.23 -16.64
C PRO A 44 14.48 -8.86 -16.06
N VAL A 45 14.49 -7.90 -15.14
CA VAL A 45 13.28 -7.43 -14.49
C VAL A 45 12.33 -6.81 -15.51
N THR A 46 12.89 -6.04 -16.44
CA THR A 46 12.10 -5.34 -17.46
C THR A 46 11.42 -6.33 -18.40
N ASN A 47 12.14 -7.40 -18.74
CA ASN A 47 11.56 -8.48 -19.52
C ASN A 47 10.34 -9.10 -18.83
N ILE A 48 10.40 -9.23 -17.50
CA ILE A 48 9.28 -9.79 -16.74
C ILE A 48 8.13 -8.79 -16.66
N CYS A 49 8.45 -7.54 -16.32
CA CYS A 49 7.47 -6.47 -16.26
C CYS A 49 6.76 -6.27 -17.58
N GLN A 50 7.50 -6.38 -18.68
CA GLN A 50 6.90 -6.30 -20.00
C GLN A 50 6.01 -7.51 -20.26
N ALA A 51 6.45 -8.68 -19.80
CA ALA A 51 5.63 -9.88 -19.89
C ALA A 51 4.30 -9.69 -19.15
N ALA A 52 4.36 -9.09 -17.96
CA ALA A 52 3.16 -8.87 -17.15
C ALA A 52 2.13 -7.97 -17.84
N ASP A 53 2.62 -6.93 -18.50
CA ASP A 53 1.74 -5.98 -19.20
C ASP A 53 1.00 -6.66 -20.33
N LYS A 54 1.72 -7.51 -21.07
CA LYS A 54 1.13 -8.26 -22.16
C LYS A 54 0.02 -9.18 -21.66
N GLN A 55 0.14 -9.65 -20.41
CA GLN A 55 -0.82 -10.59 -19.88
C GLN A 55 -1.91 -9.90 -19.07
N LEU A 56 -1.62 -8.70 -18.57
CA LEU A 56 -2.61 -7.93 -17.84
C LEU A 56 -3.88 -7.84 -18.66
N PHE A 57 -3.70 -7.81 -19.98
CA PHE A 57 -4.80 -7.65 -20.92
C PHE A 57 -5.33 -8.98 -21.43
N THR A 58 -5.41 -9.96 -20.53
CA THR A 58 -6.01 -11.24 -20.83
C THR A 58 -6.85 -11.65 -19.63
N LEU A 59 -6.56 -11.03 -18.49
CA LEU A 59 -7.21 -11.38 -17.24
C LEU A 59 -8.72 -11.23 -17.29
N VAL A 60 -9.22 -10.24 -18.02
CA VAL A 60 -10.65 -10.10 -18.16
C VAL A 60 -11.21 -11.12 -19.13
N GLU A 61 -10.43 -11.46 -20.14
CA GLU A 61 -10.89 -12.45 -21.11
C GLU A 61 -10.75 -13.86 -20.57
N TRP A 62 -9.76 -14.08 -19.72
CA TRP A 62 -9.62 -15.36 -19.03
C TRP A 62 -10.77 -15.55 -18.04
N ALA A 63 -10.94 -14.61 -17.13
CA ALA A 63 -11.98 -14.70 -16.12
C ALA A 63 -13.36 -14.65 -16.74
N LYS A 64 -13.45 -14.05 -17.92
CA LYS A 64 -14.67 -14.05 -18.72
C LYS A 64 -15.12 -15.50 -18.93
N ARG A 65 -14.16 -16.34 -19.29
CA ARG A 65 -14.44 -17.71 -19.65
C ARG A 65 -14.59 -18.67 -18.45
N ILE A 66 -14.36 -18.16 -17.24
CA ILE A 66 -14.61 -18.94 -16.01
C ILE A 66 -16.09 -18.95 -15.62
N PRO A 67 -16.65 -20.15 -15.41
CA PRO A 67 -18.08 -20.32 -15.11
C PRO A 67 -18.55 -19.40 -13.99
N HIS A 68 -19.70 -18.78 -14.21
CA HIS A 68 -20.34 -17.92 -13.22
C HIS A 68 -19.66 -16.57 -12.91
N PHE A 69 -18.42 -16.37 -13.37
CA PHE A 69 -17.74 -15.09 -13.09
C PHE A 69 -18.48 -13.86 -13.69
N SER A 70 -18.94 -14.02 -14.92
CA SER A 70 -19.59 -12.91 -15.61
C SER A 70 -20.98 -12.60 -15.08
N GLU A 71 -21.48 -13.44 -14.19
CA GLU A 71 -22.78 -13.17 -13.58
C GLU A 71 -22.62 -12.40 -12.28
N LEU A 72 -21.38 -12.27 -11.82
CA LEU A 72 -21.10 -11.43 -10.65
C LEU A 72 -21.29 -9.97 -11.04
N PRO A 73 -21.64 -9.11 -10.07
CA PRO A 73 -21.70 -7.67 -10.36
C PRO A 73 -20.37 -7.20 -10.92
N LEU A 74 -20.44 -6.32 -11.92
CA LEU A 74 -19.26 -5.72 -12.53
C LEU A 74 -18.29 -5.17 -11.48
N ASP A 75 -18.82 -4.42 -10.52
CA ASP A 75 -17.97 -3.91 -9.44
C ASP A 75 -17.10 -5.02 -8.82
N ASP A 76 -17.75 -6.07 -8.32
CA ASP A 76 -17.06 -7.23 -7.76
C ASP A 76 -16.03 -7.88 -8.69
N GLN A 77 -16.40 -8.06 -9.95
CA GLN A 77 -15.47 -8.66 -10.89
C GLN A 77 -14.16 -7.90 -10.85
N VAL A 78 -14.26 -6.56 -10.94
CA VAL A 78 -13.10 -5.66 -10.85
C VAL A 78 -12.32 -5.88 -9.56
N ILE A 79 -13.03 -5.93 -8.45
CA ILE A 79 -12.41 -6.23 -7.16
C ILE A 79 -11.64 -7.55 -7.12
N LEU A 80 -12.18 -8.59 -7.77
CA LEU A 80 -11.54 -9.90 -7.70
C LEU A 80 -10.29 -9.95 -8.56
N LEU A 81 -10.32 -9.27 -9.70
CA LEU A 81 -9.14 -9.20 -10.53
C LEU A 81 -8.11 -8.25 -9.93
N ARG A 82 -8.59 -7.15 -9.36
CA ARG A 82 -7.69 -6.23 -8.71
C ARG A 82 -6.92 -6.96 -7.62
N ALA A 83 -7.64 -7.74 -6.81
CA ALA A 83 -7.02 -8.50 -5.72
C ALA A 83 -6.21 -9.71 -6.20
N GLY A 84 -6.68 -10.40 -7.23
CA GLY A 84 -6.05 -11.63 -7.67
C GLY A 84 -4.92 -11.50 -8.67
N TRP A 85 -4.93 -10.42 -9.44
CA TRP A 85 -4.14 -10.34 -10.68
C TRP A 85 -2.75 -10.90 -10.55
N ASN A 86 -1.99 -10.48 -9.55
CA ASN A 86 -0.59 -10.88 -9.54
C ASN A 86 -0.38 -12.37 -9.30
N GLU A 87 -1.18 -12.98 -8.42
CA GLU A 87 -1.07 -14.41 -8.18
C GLU A 87 -1.53 -15.17 -9.42
N LEU A 88 -2.57 -14.62 -10.07
CA LEU A 88 -3.07 -15.18 -11.31
C LEU A 88 -1.95 -15.24 -12.34
N LEU A 89 -1.20 -14.16 -12.46
CA LEU A 89 -0.15 -14.12 -13.46
C LEU A 89 1.00 -15.05 -13.11
N ILE A 90 1.35 -15.10 -11.83
CA ILE A 90 2.49 -15.89 -11.36
C ILE A 90 2.31 -17.40 -11.57
N ALA A 91 1.14 -17.91 -11.23
CA ALA A 91 0.86 -19.33 -11.40
C ALA A 91 1.16 -19.75 -12.84
N SER A 92 0.57 -18.99 -13.78
CA SER A 92 0.65 -19.26 -15.22
C SER A 92 2.08 -19.36 -15.77
N PHE A 93 2.87 -18.30 -15.62
CA PHE A 93 4.22 -18.39 -16.15
C PHE A 93 5.02 -19.47 -15.44
N SER A 94 4.65 -19.76 -14.20
CA SER A 94 5.28 -20.83 -13.44
C SER A 94 5.04 -22.18 -14.10
N HIS A 95 3.79 -22.44 -14.46
CA HIS A 95 3.44 -23.71 -15.06
C HIS A 95 4.21 -23.85 -16.37
N ARG A 96 4.22 -22.76 -17.12
CA ARG A 96 4.83 -22.73 -18.43
C ARG A 96 6.30 -23.08 -18.36
N SER A 97 6.94 -22.70 -17.25
CA SER A 97 8.37 -22.90 -17.12
C SER A 97 8.74 -24.29 -16.58
N ILE A 98 7.76 -25.18 -16.54
CA ILE A 98 8.02 -26.56 -16.12
C ILE A 98 9.08 -27.17 -17.03
N ALA A 99 9.11 -26.69 -18.27
CA ALA A 99 10.04 -27.18 -19.30
C ALA A 99 11.47 -26.68 -19.08
N VAL A 100 11.63 -25.35 -19.07
CA VAL A 100 12.94 -24.77 -18.84
C VAL A 100 13.60 -25.41 -17.62
N LYS A 101 14.92 -25.49 -17.65
CA LYS A 101 15.68 -26.18 -16.62
C LYS A 101 15.92 -25.29 -15.39
N ASP A 102 16.40 -24.07 -15.62
CA ASP A 102 16.69 -23.15 -14.51
C ASP A 102 16.24 -21.72 -14.76
N GLY A 103 14.94 -21.56 -15.02
CA GLY A 103 14.37 -20.24 -15.19
C GLY A 103 12.92 -20.30 -15.63
N ILE A 104 12.47 -19.24 -16.27
CA ILE A 104 11.09 -19.12 -16.69
C ILE A 104 10.98 -18.73 -18.16
N LEU A 105 9.97 -19.28 -18.84
CA LEU A 105 9.60 -18.82 -20.17
C LEU A 105 8.56 -17.73 -20.01
N LEU A 106 8.89 -16.52 -20.46
CA LEU A 106 7.96 -15.38 -20.37
C LEU A 106 6.94 -15.45 -21.49
N ALA A 107 5.89 -14.64 -21.39
CA ALA A 107 4.86 -14.60 -22.43
C ALA A 107 5.36 -13.85 -23.67
N THR A 108 6.49 -13.17 -23.51
CA THR A 108 7.17 -12.48 -24.60
C THR A 108 7.90 -13.45 -25.51
N GLY A 109 8.02 -14.70 -25.06
CA GLY A 109 8.78 -15.71 -25.78
C GLY A 109 10.20 -15.79 -25.30
N LEU A 110 10.62 -14.80 -24.51
CA LEU A 110 11.97 -14.78 -23.96
C LEU A 110 12.12 -15.75 -22.81
N HIS A 111 13.33 -15.81 -22.26
CA HIS A 111 13.64 -16.66 -21.12
C HIS A 111 14.43 -15.87 -20.09
N VAL A 112 14.32 -16.27 -18.84
CA VAL A 112 15.15 -15.71 -17.80
C VAL A 112 15.79 -16.83 -17.01
N HIS A 113 17.12 -16.83 -16.98
CA HIS A 113 17.88 -17.84 -16.27
C HIS A 113 18.13 -17.38 -14.84
N ARG A 114 18.21 -18.34 -13.91
CA ARG A 114 18.59 -18.07 -12.54
C ARG A 114 19.69 -17.02 -12.43
N ASN A 115 20.80 -17.27 -13.13
CA ASN A 115 22.01 -16.50 -12.95
C ASN A 115 21.89 -14.99 -13.18
N SER A 116 21.08 -14.59 -14.16
CA SER A 116 20.87 -13.18 -14.45
C SER A 116 19.86 -12.58 -13.48
N ALA A 117 18.95 -13.42 -12.99
CA ALA A 117 18.04 -13.04 -11.91
C ALA A 117 18.83 -12.65 -10.66
N HIS A 118 19.83 -13.46 -10.32
CA HIS A 118 20.67 -13.20 -9.15
C HIS A 118 21.58 -12.00 -9.38
N SER A 119 22.09 -11.87 -10.60
CA SER A 119 22.93 -10.73 -10.95
C SER A 119 22.13 -9.44 -10.88
N ALA A 120 20.89 -9.49 -11.34
CA ALA A 120 20.01 -8.33 -11.27
C ALA A 120 19.78 -7.92 -9.81
N GLY A 121 19.26 -8.85 -9.00
CA GLY A 121 19.06 -8.60 -7.59
C GLY A 121 17.78 -9.21 -7.04
N VAL A 122 17.04 -9.89 -7.89
CA VAL A 122 15.79 -10.53 -7.50
C VAL A 122 15.95 -12.05 -7.52
N GLY A 123 17.08 -12.52 -6.99
CA GLY A 123 17.39 -13.95 -6.97
C GLY A 123 16.61 -14.74 -5.94
N ALA A 124 16.52 -14.21 -4.73
CA ALA A 124 15.81 -14.87 -3.63
C ALA A 124 14.34 -15.14 -4.00
N ILE A 125 13.67 -14.10 -4.48
CA ILE A 125 12.29 -14.22 -4.93
C ILE A 125 12.22 -15.11 -6.18
N PHE A 126 13.29 -15.11 -6.96
CA PHE A 126 13.33 -15.94 -8.16
C PHE A 126 13.37 -17.42 -7.79
N ASP A 127 14.28 -17.77 -6.89
CA ASP A 127 14.40 -19.16 -6.44
C ASP A 127 13.10 -19.68 -5.83
N ARG A 128 12.48 -18.89 -4.95
CA ARG A 128 11.20 -19.26 -4.37
C ARG A 128 10.26 -19.77 -5.46
N VAL A 129 10.16 -19.00 -6.54
CA VAL A 129 9.27 -19.32 -7.65
C VAL A 129 9.68 -20.62 -8.32
N LEU A 130 10.99 -20.80 -8.47
CA LEU A 130 11.51 -22.01 -9.08
C LEU A 130 11.28 -23.20 -8.17
N THR A 131 11.71 -23.09 -6.92
CA THR A 131 11.59 -24.20 -5.97
C THR A 131 10.13 -24.48 -5.60
N GLU A 132 9.45 -23.48 -5.05
CA GLU A 132 8.11 -23.66 -4.48
C GLU A 132 7.00 -23.79 -5.53
N LEU A 133 7.22 -23.26 -6.72
CA LEU A 133 6.21 -23.35 -7.78
C LEU A 133 6.68 -24.21 -8.94
N VAL A 134 7.52 -23.64 -9.80
CA VAL A 134 7.98 -24.32 -11.02
C VAL A 134 8.34 -25.79 -10.75
N SER A 135 9.34 -25.98 -9.91
CA SER A 135 9.84 -27.30 -9.56
C SER A 135 8.72 -28.24 -9.11
N LYS A 136 7.90 -27.79 -8.17
CA LYS A 136 6.82 -28.59 -7.62
C LYS A 136 5.78 -28.99 -8.66
N MET A 137 5.46 -28.07 -9.57
CA MET A 137 4.47 -28.35 -10.61
C MET A 137 4.98 -29.43 -11.56
N ARG A 138 6.30 -29.50 -11.71
CA ARG A 138 6.90 -30.45 -12.63
C ARG A 138 6.94 -31.83 -11.98
N ASP A 139 7.49 -31.88 -10.77
CA ASP A 139 7.58 -33.12 -10.03
C ASP A 139 6.24 -33.87 -9.94
N MET A 140 5.13 -33.15 -9.85
CA MET A 140 3.82 -33.79 -9.76
C MET A 140 3.08 -33.68 -11.08
N GLN A 141 3.74 -33.09 -12.07
CA GLN A 141 3.15 -32.88 -13.37
C GLN A 141 1.70 -32.45 -13.26
N MET A 142 1.44 -31.33 -12.58
CA MET A 142 0.07 -30.83 -12.52
C MET A 142 -0.30 -30.45 -13.95
N ASP A 143 -1.56 -30.67 -14.31
CA ASP A 143 -1.97 -30.45 -15.68
C ASP A 143 -2.74 -29.16 -15.81
N LYS A 144 -2.85 -28.70 -17.06
CA LYS A 144 -3.54 -27.46 -17.40
C LYS A 144 -4.92 -27.35 -16.75
N THR A 145 -5.63 -28.46 -16.58
CA THR A 145 -6.96 -28.39 -15.95
C THR A 145 -6.81 -28.04 -14.48
N GLU A 146 -5.75 -28.57 -13.88
CA GLU A 146 -5.48 -28.40 -12.46
C GLU A 146 -5.00 -26.99 -12.18
N LEU A 147 -4.01 -26.55 -12.94
CA LEU A 147 -3.53 -25.18 -12.83
C LEU A 147 -4.70 -24.21 -12.93
N GLY A 148 -5.59 -24.47 -13.87
CA GLY A 148 -6.74 -23.61 -14.11
C GLY A 148 -7.72 -23.53 -12.96
N CYS A 149 -7.98 -24.68 -12.33
CA CYS A 149 -8.85 -24.72 -11.17
C CYS A 149 -8.21 -23.98 -9.99
N LEU A 150 -6.90 -24.08 -9.87
CA LEU A 150 -6.19 -23.36 -8.84
C LEU A 150 -6.33 -21.87 -9.11
N ARG A 151 -6.12 -21.47 -10.37
CA ARG A 151 -6.26 -20.05 -10.70
C ARG A 151 -7.70 -19.59 -10.43
N ALA A 152 -8.67 -20.46 -10.70
CA ALA A 152 -10.06 -20.13 -10.38
C ALA A 152 -10.31 -19.94 -8.89
N ILE A 153 -9.57 -20.68 -8.06
CA ILE A 153 -9.69 -20.53 -6.61
C ILE A 153 -9.11 -19.20 -6.15
N VAL A 154 -7.90 -18.89 -6.60
CA VAL A 154 -7.28 -17.60 -6.36
C VAL A 154 -8.23 -16.47 -6.74
N LEU A 155 -8.81 -16.56 -7.94
CA LEU A 155 -9.75 -15.57 -8.45
C LEU A 155 -10.99 -15.36 -7.59
N PHE A 156 -11.61 -16.46 -7.17
CA PHE A 156 -12.82 -16.40 -6.37
C PHE A 156 -12.49 -16.19 -4.87
N ASN A 157 -11.87 -15.05 -4.56
CA ASN A 157 -11.44 -14.77 -3.20
C ASN A 157 -12.37 -13.83 -2.46
N PRO A 158 -13.15 -14.38 -1.52
CA PRO A 158 -14.26 -13.66 -0.90
C PRO A 158 -13.78 -12.65 0.12
N ASP A 159 -12.51 -12.73 0.49
CA ASP A 159 -11.96 -11.84 1.52
C ASP A 159 -11.52 -10.46 0.99
N SER A 160 -11.50 -10.27 -0.32
CA SER A 160 -11.12 -8.97 -0.90
C SER A 160 -12.05 -7.86 -0.42
N LYS A 161 -11.48 -6.72 -0.03
CA LYS A 161 -12.28 -5.60 0.48
C LYS A 161 -13.18 -4.95 -0.56
N GLY A 162 -14.41 -4.63 -0.16
CA GLY A 162 -15.31 -3.89 -1.00
C GLY A 162 -16.25 -4.79 -1.79
N LEU A 163 -16.17 -6.08 -1.50
CA LEU A 163 -17.02 -7.06 -2.17
C LEU A 163 -18.46 -6.76 -1.80
N SER A 164 -19.35 -6.80 -2.80
CA SER A 164 -20.77 -6.52 -2.62
C SER A 164 -21.49 -7.71 -2.01
N ASN A 165 -21.20 -8.90 -2.53
CA ASN A 165 -21.71 -10.12 -1.92
C ASN A 165 -20.62 -11.19 -1.80
N PRO A 166 -19.85 -11.12 -0.70
CA PRO A 166 -18.75 -12.04 -0.37
C PRO A 166 -19.19 -13.49 -0.38
N ALA A 167 -20.30 -13.79 0.30
CA ALA A 167 -20.84 -15.13 0.37
C ALA A 167 -21.05 -15.72 -1.02
N GLU A 168 -21.42 -14.87 -1.97
CA GLU A 168 -21.63 -15.30 -3.35
C GLU A 168 -20.32 -15.83 -3.95
N VAL A 169 -19.24 -15.10 -3.72
CA VAL A 169 -17.93 -15.48 -4.22
C VAL A 169 -17.41 -16.69 -3.43
N GLU A 170 -17.73 -16.73 -2.15
CA GLU A 170 -17.43 -17.84 -1.26
C GLU A 170 -18.02 -19.12 -1.85
N ALA A 171 -19.32 -19.05 -2.17
CA ALA A 171 -20.04 -20.18 -2.78
C ALA A 171 -19.36 -20.63 -4.07
N LEU A 172 -18.92 -19.68 -4.89
CA LEU A 172 -18.32 -20.05 -6.16
C LEU A 172 -16.94 -20.67 -5.98
N ARG A 173 -16.24 -20.30 -4.91
CA ARG A 173 -14.93 -20.87 -4.63
C ARG A 173 -15.06 -22.32 -4.19
N GLU A 174 -16.09 -22.62 -3.41
CA GLU A 174 -16.33 -24.00 -2.98
C GLU A 174 -16.75 -24.93 -4.14
N LYS A 175 -17.56 -24.41 -5.07
CA LYS A 175 -17.86 -25.14 -6.30
C LYS A 175 -16.58 -25.54 -7.00
N VAL A 176 -15.57 -24.67 -7.01
CA VAL A 176 -14.31 -25.12 -7.56
C VAL A 176 -13.65 -26.19 -6.67
N TYR A 177 -13.80 -26.09 -5.34
CA TYR A 177 -13.26 -27.15 -4.48
C TYR A 177 -13.81 -28.49 -4.94
N ALA A 178 -15.14 -28.60 -4.93
CA ALA A 178 -15.83 -29.82 -5.33
C ALA A 178 -15.36 -30.32 -6.68
N SER A 179 -15.44 -29.47 -7.69
CA SER A 179 -15.13 -29.86 -9.05
C SER A 179 -13.69 -30.31 -9.21
N LEU A 180 -12.76 -29.56 -8.64
CA LEU A 180 -11.36 -29.97 -8.67
C LEU A 180 -11.13 -31.34 -8.02
N GLU A 181 -11.87 -31.63 -6.96
CA GLU A 181 -11.65 -32.90 -6.27
C GLU A 181 -12.14 -34.03 -7.16
N ALA A 182 -13.43 -33.98 -7.50
CA ALA A 182 -14.00 -34.93 -8.46
C ALA A 182 -13.09 -35.17 -9.67
N TYR A 183 -12.54 -34.11 -10.24
CA TYR A 183 -11.61 -34.28 -11.33
C TYR A 183 -10.40 -35.12 -10.91
N CYS A 184 -9.80 -34.82 -9.76
CA CYS A 184 -8.62 -35.54 -9.30
C CYS A 184 -8.91 -37.01 -9.00
N LYS A 185 -10.03 -37.26 -8.34
CA LYS A 185 -10.41 -38.59 -7.92
C LYS A 185 -10.52 -39.50 -9.15
N HIS A 186 -11.38 -39.12 -10.08
CA HIS A 186 -11.55 -39.84 -11.34
C HIS A 186 -10.29 -39.92 -12.20
N LYS A 187 -9.63 -38.78 -12.39
CA LYS A 187 -8.54 -38.69 -13.34
C LYS A 187 -7.22 -39.26 -12.83
N TYR A 188 -7.04 -39.28 -11.51
CA TYR A 188 -5.81 -39.77 -10.90
C TYR A 188 -6.07 -40.70 -9.71
N PRO A 189 -7.00 -41.65 -9.87
CA PRO A 189 -7.49 -42.51 -8.78
C PRO A 189 -6.39 -43.29 -8.08
N GLU A 190 -5.20 -43.38 -8.68
CA GLU A 190 -4.05 -43.97 -8.01
C GLU A 190 -3.50 -43.04 -6.93
N GLN A 191 -3.58 -41.74 -7.18
CA GLN A 191 -3.10 -40.74 -6.23
C GLN A 191 -4.24 -40.13 -5.42
N PRO A 192 -4.48 -40.66 -4.21
CA PRO A 192 -5.60 -40.26 -3.36
C PRO A 192 -5.34 -38.93 -2.66
N GLY A 193 -4.09 -38.49 -2.67
CA GLY A 193 -3.75 -37.26 -1.99
C GLY A 193 -3.53 -36.09 -2.92
N ARG A 194 -3.86 -36.25 -4.19
CA ARG A 194 -3.54 -35.25 -5.20
C ARG A 194 -4.27 -33.91 -5.00
N PHE A 195 -5.56 -33.97 -4.72
CA PHE A 195 -6.38 -32.81 -4.46
C PHE A 195 -5.71 -31.93 -3.38
N ALA A 196 -5.50 -32.51 -2.21
CA ALA A 196 -4.86 -31.85 -1.08
C ALA A 196 -3.50 -31.31 -1.47
N LYS A 197 -2.79 -32.04 -2.32
CA LYS A 197 -1.47 -31.60 -2.76
C LYS A 197 -1.53 -30.32 -3.62
N LEU A 198 -2.60 -30.17 -4.40
CA LEU A 198 -2.74 -28.98 -5.23
C LEU A 198 -2.97 -27.73 -4.37
N LEU A 199 -3.91 -27.84 -3.43
CA LEU A 199 -4.27 -26.74 -2.56
C LEU A 199 -3.05 -26.23 -1.77
N LEU A 200 -2.22 -27.17 -1.32
CA LEU A 200 -1.02 -26.85 -0.55
C LEU A 200 0.03 -26.09 -1.37
N ARG A 201 -0.25 -25.87 -2.65
CA ARG A 201 0.56 -24.97 -3.43
C ARG A 201 0.13 -23.51 -3.20
N LEU A 202 -1.12 -23.33 -2.75
CA LEU A 202 -1.66 -21.99 -2.64
C LEU A 202 -1.07 -21.12 -1.53
N PRO A 203 -0.72 -21.72 -0.37
CA PRO A 203 -0.04 -20.87 0.62
C PRO A 203 1.28 -20.32 0.09
N ALA A 204 2.02 -21.14 -0.66
CA ALA A 204 3.27 -20.67 -1.24
C ALA A 204 3.03 -19.58 -2.28
N LEU A 205 1.99 -19.75 -3.08
CA LEU A 205 1.61 -18.76 -4.07
C LEU A 205 1.28 -17.44 -3.37
N ARG A 206 0.51 -17.51 -2.29
CA ARG A 206 0.14 -16.31 -1.59
C ARG A 206 1.36 -15.53 -1.07
N SER A 207 2.27 -16.24 -0.40
CA SER A 207 3.47 -15.60 0.15
C SER A 207 4.40 -15.04 -0.93
N ILE A 208 4.53 -15.80 -2.02
CA ILE A 208 5.30 -15.36 -3.17
C ILE A 208 4.64 -14.10 -3.77
N GLY A 209 3.31 -14.12 -3.87
CA GLY A 209 2.58 -13.00 -4.43
C GLY A 209 2.79 -11.72 -3.66
N LEU A 210 2.88 -11.85 -2.33
CA LEU A 210 3.02 -10.70 -1.46
C LEU A 210 4.43 -10.13 -1.49
N LYS A 211 5.42 -10.99 -1.68
CA LYS A 211 6.78 -10.50 -1.79
C LYS A 211 7.02 -9.89 -3.18
N CYS A 212 6.23 -10.30 -4.17
CA CYS A 212 6.37 -9.74 -5.51
C CYS A 212 5.79 -8.33 -5.60
N LEU A 213 5.32 -7.79 -4.47
CA LEU A 213 4.97 -6.37 -4.43
C LEU A 213 5.93 -5.64 -3.50
N THR A 229 5.90 12.00 -28.32
CA THR A 229 5.51 11.97 -29.73
C THR A 229 4.34 12.90 -30.03
N PHE A 230 3.19 12.63 -29.41
CA PHE A 230 1.99 13.45 -29.63
C PHE A 230 2.13 14.82 -28.98
N LEU A 231 2.62 14.81 -27.74
CA LEU A 231 2.85 16.04 -27.02
C LEU A 231 3.76 16.93 -27.87
N MET A 232 4.83 16.34 -28.40
CA MET A 232 5.72 17.08 -29.29
C MET A 232 4.98 17.69 -30.48
N GLU A 233 4.07 16.93 -31.09
CA GLU A 233 3.34 17.45 -32.24
C GLU A 233 2.42 18.58 -31.81
N MET A 234 1.72 18.35 -30.71
CA MET A 234 0.76 19.31 -30.18
C MET A 234 1.44 20.63 -29.84
N LEU A 235 2.66 20.51 -29.33
CA LEU A 235 3.47 21.66 -28.97
C LEU A 235 3.83 22.45 -30.22
N GLU A 236 4.24 21.73 -31.26
CA GLU A 236 4.68 22.37 -32.50
C GLU A 236 3.51 23.01 -33.25
N ALA A 237 2.42 22.27 -33.39
CA ALA A 237 1.24 22.74 -34.13
C ALA A 237 0.56 23.94 -33.48
N PRO B 23 -11.32 -44.76 3.12
CA PRO B 23 -10.11 -45.08 3.88
C PRO B 23 -10.14 -44.46 5.29
N GLN B 24 -9.72 -45.23 6.28
CA GLN B 24 -9.92 -44.85 7.69
C GLN B 24 -8.69 -44.32 8.43
N LEU B 25 -8.83 -44.25 9.74
CA LEU B 25 -7.71 -43.92 10.62
C LEU B 25 -7.23 -45.21 11.26
N SER B 26 -5.93 -45.43 11.24
CA SER B 26 -5.34 -46.59 11.88
C SER B 26 -5.12 -46.35 13.39
N PRO B 27 -4.95 -47.41 14.17
CA PRO B 27 -4.62 -47.19 15.58
C PRO B 27 -3.47 -46.19 15.75
N GLU B 28 -2.48 -46.29 14.89
CA GLU B 28 -1.32 -45.42 14.98
C GLU B 28 -1.69 -43.94 14.79
N GLN B 29 -2.52 -43.67 13.81
CA GLN B 29 -2.95 -42.30 13.55
C GLN B 29 -3.83 -41.78 14.67
N LEU B 30 -4.68 -42.65 15.23
CA LEU B 30 -5.53 -42.22 16.32
C LEU B 30 -4.66 -41.88 17.54
N GLY B 31 -3.61 -42.70 17.74
CA GLY B 31 -2.67 -42.52 18.82
C GLY B 31 -1.88 -41.23 18.64
N MET B 32 -1.49 -40.93 17.41
CA MET B 32 -0.72 -39.71 17.11
C MET B 32 -1.58 -38.47 17.37
N ILE B 33 -2.83 -38.53 16.96
CA ILE B 33 -3.77 -37.44 17.17
C ILE B 33 -3.98 -37.14 18.67
N GLU B 34 -4.22 -38.20 19.42
CA GLU B 34 -4.37 -38.15 20.87
C GLU B 34 -3.12 -37.56 21.54
N LYS B 35 -1.95 -38.01 21.11
CA LYS B 35 -0.69 -37.44 21.56
C LYS B 35 -0.65 -35.91 21.33
N LEU B 36 -1.11 -35.48 20.17
CA LEU B 36 -1.14 -34.06 19.83
C LEU B 36 -2.08 -33.30 20.74
N VAL B 37 -3.31 -33.79 20.88
CA VAL B 37 -4.28 -33.08 21.70
C VAL B 37 -3.78 -33.02 23.15
N ALA B 38 -3.21 -34.12 23.62
CA ALA B 38 -2.64 -34.19 24.96
C ALA B 38 -1.48 -33.20 25.15
N ALA B 39 -0.54 -33.18 24.22
CA ALA B 39 0.53 -32.18 24.25
C ALA B 39 0.00 -30.73 24.33
N GLN B 40 -1.03 -30.40 23.56
CA GLN B 40 -1.58 -29.05 23.63
C GLN B 40 -2.25 -28.77 24.98
N GLN B 41 -3.06 -29.69 25.47
CA GLN B 41 -3.65 -29.52 26.80
C GLN B 41 -2.57 -29.32 27.87
N GLN B 42 -1.46 -30.02 27.70
CA GLN B 42 -0.40 -30.03 28.71
C GLN B 42 0.30 -28.67 28.73
N CYS B 43 0.58 -28.15 27.54
CA CYS B 43 1.02 -26.77 27.36
C CYS B 43 0.06 -25.76 27.97
N ASN B 44 -1.25 -25.91 27.75
CA ASN B 44 -2.24 -25.04 28.39
C ASN B 44 -2.12 -24.97 29.91
N ARG B 45 -1.93 -26.13 30.55
CA ARG B 45 -1.91 -26.15 32.01
C ARG B 45 -0.65 -25.48 32.56
N ARG B 46 0.49 -25.74 31.93
CA ARG B 46 1.71 -25.11 32.39
C ARG B 46 1.67 -23.58 32.17
N SER B 47 1.08 -23.15 31.05
CA SER B 47 0.91 -21.73 30.79
C SER B 47 0.02 -21.10 31.86
N PHE B 48 -1.12 -21.75 32.07
CA PHE B 48 -2.06 -21.29 33.07
C PHE B 48 -1.39 -21.21 34.44
N SER B 49 -0.60 -22.23 34.77
CA SER B 49 0.06 -22.28 36.06
C SER B 49 1.10 -21.18 36.21
N ASP B 50 1.57 -20.66 35.08
CA ASP B 50 2.61 -19.65 35.06
C ASP B 50 2.01 -18.29 34.73
N ARG B 51 0.72 -18.14 34.92
CA ARG B 51 0.05 -16.92 34.47
C ARG B 51 0.37 -15.71 35.35
N LEU B 52 0.60 -15.98 36.63
CA LEU B 52 0.85 -14.90 37.60
C LEU B 52 2.11 -14.10 37.28
N ARG B 53 2.97 -14.68 36.45
CA ARG B 53 4.25 -14.09 36.06
C ARG B 53 4.06 -12.82 35.25
N VAL B 54 2.91 -12.69 34.59
CA VAL B 54 2.65 -11.60 33.64
C VAL B 54 2.18 -10.30 34.31
N THR B 55 2.75 -9.17 33.88
CA THR B 55 2.32 -7.86 34.36
C THR B 55 0.82 -7.73 34.25
N PRO B 56 0.17 -7.28 35.33
CA PRO B 56 -1.29 -7.14 35.42
C PRO B 56 -1.90 -6.08 34.48
N TRP B 57 -3.11 -6.38 34.02
CA TRP B 57 -3.90 -5.45 33.24
C TRP B 57 -4.27 -4.28 34.14
N PRO B 58 -3.87 -3.07 33.75
CA PRO B 58 -4.06 -1.82 34.53
C PRO B 58 -5.54 -1.57 34.89
N PRO B 63 -7.62 6.74 29.97
CA PRO B 63 -8.13 6.58 28.60
C PRO B 63 -7.27 7.39 27.62
N GLN B 64 -6.76 8.52 28.08
CA GLN B 64 -5.79 9.28 27.29
C GLN B 64 -4.43 9.11 27.96
N SER B 65 -4.31 8.06 28.76
CA SER B 65 -3.08 7.83 29.51
C SER B 65 -2.07 7.02 28.70
N ARG B 66 -0.87 7.57 28.55
CA ARG B 66 0.21 6.86 27.88
C ARG B 66 0.72 5.70 28.72
N GLU B 67 0.85 5.92 30.03
CA GLU B 67 1.33 4.87 30.92
C GLU B 67 0.47 3.62 30.82
N ALA B 68 -0.84 3.78 31.02
CA ALA B 68 -1.80 2.69 30.90
C ALA B 68 -1.66 1.95 29.57
N ARG B 69 -1.48 2.73 28.50
CA ARG B 69 -1.36 2.18 27.15
C ARG B 69 -0.10 1.32 27.05
N GLN B 70 0.98 1.80 27.68
CA GLN B 70 2.25 1.11 27.66
C GLN B 70 2.20 -0.15 28.54
N GLN B 71 1.42 -0.09 29.62
CA GLN B 71 1.25 -1.25 30.47
C GLN B 71 0.42 -2.35 29.78
N ARG B 72 -0.55 -1.95 28.96
CA ARG B 72 -1.38 -2.91 28.23
C ARG B 72 -0.55 -3.63 27.17
N PHE B 73 0.38 -2.89 26.56
CA PHE B 73 1.29 -3.45 25.58
C PHE B 73 2.33 -4.35 26.22
N ALA B 74 2.79 -3.95 27.41
CA ALA B 74 3.73 -4.78 28.16
C ALA B 74 3.04 -6.09 28.47
N HIS B 75 1.81 -5.98 28.96
CA HIS B 75 0.96 -7.13 29.25
C HIS B 75 0.88 -8.08 28.05
N PHE B 76 0.49 -7.56 26.87
CA PHE B 76 0.32 -8.41 25.69
C PHE B 76 1.60 -9.09 25.27
N THR B 77 2.71 -8.35 25.27
CA THR B 77 4.01 -8.94 24.91
C THR B 77 4.42 -10.02 25.91
N GLU B 78 4.02 -9.87 27.17
CA GLU B 78 4.36 -10.88 28.16
C GLU B 78 3.57 -12.16 27.85
N LEU B 79 2.28 -12.01 27.58
CA LEU B 79 1.42 -13.11 27.17
C LEU B 79 2.01 -13.84 25.98
N ALA B 80 2.35 -13.06 24.96
CA ALA B 80 2.85 -13.61 23.71
C ALA B 80 4.12 -14.43 23.93
N ILE B 81 5.00 -13.96 24.81
CA ILE B 81 6.20 -14.73 25.19
C ILE B 81 5.81 -16.10 25.78
N VAL B 82 4.85 -16.09 26.69
CA VAL B 82 4.29 -17.34 27.22
C VAL B 82 3.79 -18.26 26.09
N SER B 83 3.08 -17.71 25.11
CA SER B 83 2.59 -18.49 23.98
C SER B 83 3.70 -19.09 23.11
N VAL B 84 4.77 -18.32 22.91
CA VAL B 84 5.92 -18.78 22.16
C VAL B 84 6.52 -20.05 22.80
N GLN B 85 6.57 -20.04 24.13
CA GLN B 85 7.05 -21.20 24.91
C GLN B 85 6.15 -22.43 24.72
N GLU B 86 4.83 -22.23 24.81
CA GLU B 86 3.85 -23.25 24.42
C GLU B 86 4.10 -23.85 23.01
N ILE B 87 4.41 -23.01 22.02
CA ILE B 87 4.54 -23.51 20.66
C ILE B 87 5.82 -24.34 20.52
N VAL B 88 6.87 -23.90 21.17
CA VAL B 88 8.14 -24.60 21.15
C VAL B 88 8.01 -25.94 21.88
N ASP B 89 7.47 -25.93 23.09
CA ASP B 89 7.20 -27.17 23.82
C ASP B 89 6.38 -28.14 22.95
N PHE B 90 5.37 -27.63 22.27
CA PHE B 90 4.52 -28.48 21.43
C PHE B 90 5.25 -28.97 20.18
N ALA B 91 6.12 -28.15 19.62
CA ALA B 91 6.86 -28.56 18.43
C ALA B 91 7.93 -29.60 18.76
N LYS B 92 8.51 -29.50 19.96
CA LYS B 92 9.52 -30.46 20.37
C LYS B 92 8.93 -31.85 20.51
N GLN B 93 7.61 -31.89 20.70
CA GLN B 93 6.87 -33.13 20.85
C GLN B 93 6.31 -33.71 19.55
N LEU B 94 6.49 -33.03 18.42
CA LEU B 94 6.01 -33.56 17.14
C LEU B 94 6.96 -34.61 16.60
N PRO B 95 6.42 -35.78 16.21
CA PRO B 95 7.22 -36.84 15.59
C PRO B 95 8.15 -36.30 14.49
N GLY B 96 9.45 -36.42 14.71
CA GLY B 96 10.41 -36.06 13.67
C GLY B 96 10.98 -34.65 13.76
N PHE B 97 10.34 -33.79 14.55
CA PHE B 97 10.79 -32.40 14.63
C PHE B 97 12.22 -32.24 15.14
N LEU B 98 12.59 -33.00 16.16
CA LEU B 98 13.93 -32.89 16.74
C LEU B 98 14.98 -33.52 15.85
N GLN B 99 14.52 -34.43 14.99
CA GLN B 99 15.38 -35.14 14.06
C GLN B 99 15.79 -34.25 12.88
N LEU B 100 15.44 -32.97 12.94
CA LEU B 100 15.86 -32.01 11.94
C LEU B 100 17.03 -31.18 12.47
N SER B 101 17.77 -30.54 11.58
CA SER B 101 18.82 -29.63 11.99
C SER B 101 18.22 -28.54 12.87
N ARG B 102 18.97 -28.12 13.89
CA ARG B 102 18.49 -27.11 14.82
C ARG B 102 18.19 -25.89 13.96
N GLU B 103 18.99 -25.74 12.92
CA GLU B 103 18.84 -24.66 11.95
C GLU B 103 17.44 -24.63 11.35
N ASP B 104 16.97 -25.80 10.97
CA ASP B 104 15.67 -25.94 10.35
C ASP B 104 14.55 -25.80 11.39
N GLN B 105 14.81 -26.28 12.60
CA GLN B 105 13.85 -26.16 13.69
C GLN B 105 13.55 -24.68 13.98
N ILE B 106 14.61 -23.92 14.14
CA ILE B 106 14.49 -22.49 14.37
C ILE B 106 13.68 -21.84 13.26
N ALA B 107 14.07 -22.11 12.02
CA ALA B 107 13.44 -21.48 10.87
C ALA B 107 11.93 -21.80 10.81
N LEU B 108 11.58 -23.06 11.08
CA LEU B 108 10.17 -23.48 11.10
C LEU B 108 9.39 -22.78 12.21
N LEU B 109 10.00 -22.64 13.39
CA LEU B 109 9.32 -22.00 14.51
C LEU B 109 9.19 -20.50 14.30
N LYS B 110 10.25 -19.90 13.81
CA LYS B 110 10.32 -18.44 13.61
C LYS B 110 9.17 -17.92 12.73
N THR B 111 8.91 -18.59 11.61
CA THR B 111 7.85 -18.14 10.73
C THR B 111 6.47 -18.70 11.06
N SER B 112 6.41 -19.88 11.68
CA SER B 112 5.10 -20.47 12.01
C SER B 112 4.48 -19.90 13.29
N ALA B 113 5.29 -19.19 14.08
CA ALA B 113 4.86 -18.68 15.37
C ALA B 113 3.58 -17.86 15.32
N ILE B 114 3.58 -16.80 14.52
CA ILE B 114 2.43 -15.93 14.44
C ILE B 114 1.20 -16.65 13.88
N GLU B 115 1.43 -17.58 12.96
CA GLU B 115 0.33 -18.38 12.44
C GLU B 115 -0.31 -19.25 13.53
N VAL B 116 0.52 -19.91 14.33
CA VAL B 116 -0.03 -20.81 15.34
C VAL B 116 -0.82 -19.97 16.33
N MET B 117 -0.27 -18.81 16.68
CA MET B 117 -0.92 -17.90 17.65
C MET B 117 -2.26 -17.40 17.17
N LEU B 118 -2.37 -17.17 15.86
CA LEU B 118 -3.65 -16.78 15.27
C LEU B 118 -4.67 -17.94 15.21
N LEU B 119 -4.21 -19.14 14.87
CA LEU B 119 -5.06 -20.32 15.03
C LEU B 119 -5.56 -20.48 16.48
N GLU B 120 -4.65 -20.34 17.45
CA GLU B 120 -5.02 -20.36 18.87
C GLU B 120 -6.03 -19.26 19.20
N THR B 121 -5.83 -18.09 18.60
CA THR B 121 -6.76 -16.98 18.80
C THR B 121 -8.17 -17.38 18.29
N SER B 122 -8.25 -17.97 17.11
CA SER B 122 -9.54 -18.36 16.56
C SER B 122 -10.20 -19.41 17.43
N ARG B 123 -9.42 -20.43 17.83
CA ARG B 123 -9.94 -21.42 18.77
C ARG B 123 -10.51 -20.80 20.05
N ARG B 124 -10.01 -19.64 20.46
CA ARG B 124 -10.45 -19.04 21.72
C ARG B 124 -11.42 -17.87 21.56
N TYR B 125 -11.93 -17.70 20.34
CA TYR B 125 -12.84 -16.62 20.02
C TYR B 125 -14.25 -16.84 20.55
N ASN B 126 -14.78 -15.87 21.30
CA ASN B 126 -16.13 -15.94 21.82
C ASN B 126 -17.07 -15.12 20.94
N PRO B 127 -17.87 -15.79 20.12
CA PRO B 127 -18.73 -15.14 19.12
C PRO B 127 -19.79 -14.22 19.76
N GLY B 128 -20.22 -14.55 20.96
CA GLY B 128 -21.17 -13.72 21.68
C GLY B 128 -20.65 -12.34 22.01
N SER B 129 -19.61 -12.28 22.84
CA SER B 129 -19.03 -11.00 23.25
C SER B 129 -17.99 -10.47 22.25
N GLU B 130 -17.82 -11.18 21.14
CA GLU B 130 -16.76 -10.88 20.18
C GLU B 130 -15.44 -10.57 20.89
N SER B 131 -15.00 -11.52 21.70
CA SER B 131 -13.75 -11.36 22.42
C SER B 131 -12.93 -12.63 22.36
N ILE B 132 -11.66 -12.52 22.71
CA ILE B 132 -10.78 -13.66 22.75
C ILE B 132 -10.34 -13.88 24.18
N THR B 133 -10.47 -15.12 24.64
CA THR B 133 -10.08 -15.44 25.99
C THR B 133 -8.81 -16.30 25.98
N PHE B 134 -7.72 -15.75 26.52
CA PHE B 134 -6.44 -16.44 26.71
C PHE B 134 -6.28 -16.94 28.17
N LEU B 135 -5.47 -17.98 28.35
CA LEU B 135 -5.16 -18.51 29.69
C LEU B 135 -6.35 -18.57 30.66
N LYS B 136 -7.48 -19.08 30.17
CA LYS B 136 -8.66 -19.36 31.01
C LYS B 136 -9.46 -18.13 31.45
N ASP B 137 -8.82 -17.15 32.09
CA ASP B 137 -9.55 -16.00 32.62
C ASP B 137 -9.07 -14.63 32.15
N PHE B 138 -8.44 -14.58 30.98
CA PHE B 138 -8.05 -13.30 30.38
C PHE B 138 -8.83 -13.10 29.07
N SER B 139 -9.87 -12.28 29.10
CA SER B 139 -10.67 -12.02 27.89
C SER B 139 -10.50 -10.59 27.33
N TYR B 140 -10.30 -10.50 26.02
CA TYR B 140 -10.04 -9.21 25.38
C TYR B 140 -10.91 -8.99 24.16
N ASN B 141 -11.51 -7.81 24.06
CA ASN B 141 -12.20 -7.45 22.82
C ASN B 141 -11.40 -6.42 22.01
N ARG B 142 -11.99 -5.95 20.91
CA ARG B 142 -11.31 -5.05 19.98
C ARG B 142 -10.73 -3.83 20.64
N GLU B 143 -11.51 -3.25 21.55
CA GLU B 143 -11.10 -2.06 22.29
C GLU B 143 -9.82 -2.29 23.10
N ASP B 144 -9.79 -3.41 23.81
CA ASP B 144 -8.63 -3.78 24.62
C ASP B 144 -7.35 -3.75 23.80
N PHE B 145 -7.41 -4.33 22.60
CA PHE B 145 -6.25 -4.31 21.71
C PHE B 145 -5.96 -2.88 21.22
N ALA B 146 -7.00 -2.11 20.90
CA ALA B 146 -6.82 -0.71 20.50
C ALA B 146 -6.20 0.13 21.63
N LYS B 147 -6.64 -0.10 22.88
CA LYS B 147 -6.15 0.71 24.00
C LYS B 147 -4.70 0.37 24.33
N ALA B 148 -4.19 -0.71 23.75
CA ALA B 148 -2.78 -1.04 23.88
C ALA B 148 -1.98 -0.34 22.77
N GLY B 149 -2.68 0.25 21.81
CA GLY B 149 -2.02 0.93 20.71
C GLY B 149 -2.01 0.19 19.38
N LEU B 150 -2.63 -0.98 19.31
CA LEU B 150 -2.71 -1.72 18.05
C LEU B 150 -3.65 -1.01 17.04
N GLN B 151 -3.31 -1.08 15.76
CA GLN B 151 -4.11 -0.37 14.77
C GLN B 151 -5.23 -1.26 14.25
N VAL B 152 -6.27 -0.60 13.73
CA VAL B 152 -7.46 -1.27 13.22
C VAL B 152 -7.18 -2.17 12.00
N GLU B 153 -6.22 -1.82 11.14
CA GLU B 153 -5.94 -2.68 9.97
C GLU B 153 -5.23 -3.97 10.36
N PHE B 154 -4.85 -4.05 11.63
CA PHE B 154 -4.39 -5.29 12.23
C PHE B 154 -5.50 -6.00 13.02
N ILE B 155 -6.19 -5.26 13.88
CA ILE B 155 -7.21 -5.85 14.74
C ILE B 155 -8.36 -6.48 13.96
N ASN B 156 -8.90 -5.71 13.01
CA ASN B 156 -10.06 -6.18 12.23
C ASN B 156 -9.90 -7.47 11.42
N PRO B 157 -8.85 -7.59 10.62
CA PRO B 157 -8.74 -8.86 9.88
C PRO B 157 -8.53 -10.08 10.79
N ILE B 158 -7.86 -9.89 11.93
CA ILE B 158 -7.69 -11.02 12.86
C ILE B 158 -9.01 -11.43 13.49
N PHE B 159 -9.79 -10.44 13.89
CA PHE B 159 -11.10 -10.73 14.45
C PHE B 159 -12.02 -11.33 13.39
N GLU B 160 -11.96 -10.79 12.18
CA GLU B 160 -12.66 -11.38 11.05
C GLU B 160 -12.22 -12.83 10.79
N PHE B 161 -10.92 -13.10 10.86
CA PHE B 161 -10.41 -14.45 10.69
C PHE B 161 -10.93 -15.40 11.77
N SER B 162 -10.90 -14.94 13.02
CA SER B 162 -11.34 -15.74 14.15
C SER B 162 -12.82 -16.07 14.03
N ARG B 163 -13.64 -15.07 13.71
CA ARG B 163 -15.06 -15.33 13.53
C ARG B 163 -15.35 -16.39 12.45
N ALA B 164 -14.67 -16.27 11.31
CA ALA B 164 -14.84 -17.26 10.24
C ALA B 164 -14.40 -18.67 10.67
N MET B 165 -13.25 -18.78 11.33
CA MET B 165 -12.75 -20.07 11.85
C MET B 165 -13.73 -20.69 12.80
N ASN B 166 -14.28 -19.85 13.67
CA ASN B 166 -15.20 -20.30 14.69
C ASN B 166 -16.46 -20.92 14.08
N GLU B 167 -16.95 -20.33 13.00
CA GLU B 167 -18.06 -20.90 12.25
C GLU B 167 -17.82 -22.37 11.87
N LEU B 168 -16.59 -22.69 11.48
CA LEU B 168 -16.23 -24.07 11.14
C LEU B 168 -16.41 -25.03 12.31
N GLN B 169 -16.39 -24.51 13.52
CA GLN B 169 -16.55 -25.34 14.71
C GLN B 169 -15.57 -26.52 14.67
N LEU B 170 -14.28 -26.23 14.59
CA LEU B 170 -13.28 -27.27 14.64
C LEU B 170 -13.14 -27.72 16.09
N ASN B 171 -12.80 -29.00 16.28
CA ASN B 171 -12.55 -29.52 17.62
C ASN B 171 -11.05 -29.60 17.93
N ASP B 172 -10.71 -30.12 19.10
CA ASP B 172 -9.32 -30.32 19.54
C ASP B 172 -8.41 -31.02 18.53
N ALA B 173 -8.88 -32.14 18.01
CA ALA B 173 -8.12 -32.90 17.03
C ALA B 173 -7.85 -32.05 15.80
N GLU B 174 -8.85 -31.34 15.34
CA GLU B 174 -8.73 -30.63 14.07
C GLU B 174 -7.76 -29.46 14.20
N PHE B 175 -7.82 -28.75 15.33
CA PHE B 175 -6.90 -27.66 15.61
C PHE B 175 -5.47 -28.18 15.76
N ALA B 176 -5.29 -29.25 16.53
CA ALA B 176 -3.96 -29.83 16.73
C ALA B 176 -3.30 -30.21 15.40
N LEU B 177 -4.05 -30.83 14.50
CA LEU B 177 -3.50 -31.17 13.18
C LEU B 177 -3.23 -29.93 12.30
N LEU B 178 -4.16 -28.99 12.29
CA LEU B 178 -3.99 -27.79 11.48
C LEU B 178 -2.71 -27.03 11.92
N ILE B 179 -2.49 -26.99 13.24
CA ILE B 179 -1.28 -26.41 13.81
C ILE B 179 -0.01 -27.14 13.37
N ALA B 180 -0.05 -28.47 13.39
CA ALA B 180 1.12 -29.28 12.99
C ALA B 180 1.41 -29.17 11.50
N ILE B 181 0.35 -29.07 10.69
CA ILE B 181 0.51 -28.80 9.26
C ILE B 181 1.17 -27.45 9.04
N SER B 182 0.73 -26.44 9.80
CA SER B 182 1.30 -25.11 9.68
C SER B 182 2.79 -25.13 10.05
N ILE B 183 3.13 -25.78 11.13
CA ILE B 183 4.52 -25.88 11.56
C ILE B 183 5.42 -26.56 10.52
N PHE B 184 4.92 -27.61 9.88
CA PHE B 184 5.73 -28.34 8.93
C PHE B 184 5.58 -27.77 7.50
N SER B 185 5.87 -26.48 7.34
CA SER B 185 5.75 -25.81 6.06
C SER B 185 7.12 -25.61 5.42
N ALA B 186 7.38 -26.36 4.36
CA ALA B 186 8.70 -26.43 3.74
C ALA B 186 9.18 -25.12 3.11
N ASP B 187 8.24 -24.28 2.71
CA ASP B 187 8.58 -23.04 2.03
C ASP B 187 8.92 -21.88 2.97
N ARG B 188 9.05 -22.15 4.26
CA ARG B 188 9.49 -21.10 5.19
C ARG B 188 10.92 -20.73 4.83
N PRO B 189 11.25 -19.43 4.94
CA PRO B 189 12.59 -18.98 4.61
C PRO B 189 13.66 -19.72 5.41
N ASN B 190 14.72 -20.15 4.74
CA ASN B 190 15.90 -20.71 5.39
C ASN B 190 15.77 -22.17 5.81
N VAL B 191 14.84 -22.88 5.19
CA VAL B 191 14.69 -24.31 5.46
C VAL B 191 15.65 -25.11 4.58
N GLN B 192 16.47 -25.92 5.23
CA GLN B 192 17.46 -26.77 4.54
C GLN B 192 16.83 -28.00 3.87
N ASP B 193 16.38 -28.96 4.68
CA ASP B 193 15.80 -30.19 4.15
C ASP B 193 14.29 -30.03 3.91
N GLN B 194 13.95 -29.34 2.84
CA GLN B 194 12.55 -29.07 2.50
C GLN B 194 11.82 -30.37 2.18
N LEU B 195 12.57 -31.33 1.66
CA LEU B 195 12.05 -32.65 1.28
C LEU B 195 11.51 -33.39 2.49
N GLN B 196 12.29 -33.42 3.56
CA GLN B 196 11.90 -34.09 4.79
C GLN B 196 10.75 -33.36 5.48
N VAL B 197 10.80 -32.02 5.48
CA VAL B 197 9.71 -31.25 6.07
C VAL B 197 8.38 -31.56 5.38
N GLU B 198 8.40 -31.68 4.06
CA GLU B 198 7.19 -32.03 3.31
C GLU B 198 6.70 -33.45 3.63
N ARG B 199 7.62 -34.39 3.78
CA ARG B 199 7.24 -35.73 4.21
C ARG B 199 6.54 -35.69 5.57
N LEU B 200 7.11 -34.98 6.53
CA LEU B 200 6.52 -34.85 7.85
C LEU B 200 5.14 -34.22 7.79
N GLN B 201 5.00 -33.18 6.96
CA GLN B 201 3.73 -32.48 6.86
C GLN B 201 2.68 -33.41 6.29
N HIS B 202 3.09 -34.20 5.32
CA HIS B 202 2.18 -35.08 4.60
C HIS B 202 1.44 -36.03 5.54
N THR B 203 2.18 -36.55 6.51
CA THR B 203 1.61 -37.38 7.58
C THR B 203 0.35 -36.74 8.18
N TYR B 204 0.48 -35.49 8.62
CA TYR B 204 -0.64 -34.80 9.27
C TYR B 204 -1.77 -34.40 8.30
N VAL B 205 -1.44 -34.04 7.07
CA VAL B 205 -2.46 -33.74 6.09
C VAL B 205 -3.29 -35.00 5.80
N GLU B 206 -2.58 -36.10 5.57
CA GLU B 206 -3.20 -37.40 5.39
C GLU B 206 -4.16 -37.73 6.56
N ALA B 207 -3.67 -37.56 7.78
CA ALA B 207 -4.48 -37.83 8.97
C ALA B 207 -5.71 -36.91 9.06
N LEU B 208 -5.53 -35.64 8.72
CA LEU B 208 -6.64 -34.69 8.78
C LEU B 208 -7.71 -35.02 7.75
N HIS B 209 -7.28 -35.42 6.56
CA HIS B 209 -8.23 -35.82 5.53
C HIS B 209 -9.05 -37.01 6.01
N ALA B 210 -8.35 -38.07 6.37
CA ALA B 210 -9.02 -39.25 6.90
C ALA B 210 -9.93 -38.83 8.05
N TYR B 211 -9.43 -38.05 9.00
CA TYR B 211 -10.24 -37.64 10.15
C TYR B 211 -11.51 -36.88 9.79
N VAL B 212 -11.48 -35.98 8.83
CA VAL B 212 -12.69 -35.27 8.43
C VAL B 212 -13.69 -36.19 7.74
N SER B 213 -13.21 -37.08 6.90
CA SER B 213 -14.08 -37.93 6.17
C SER B 213 -14.75 -38.98 7.04
N ILE B 214 -14.13 -39.32 8.16
CA ILE B 214 -14.74 -40.21 9.13
C ILE B 214 -15.70 -39.49 10.07
N ASN B 215 -15.31 -38.31 10.54
CA ASN B 215 -16.13 -37.60 11.51
C ASN B 215 -17.09 -36.54 10.93
N HIS B 216 -16.83 -36.07 9.70
CA HIS B 216 -17.80 -35.23 8.98
C HIS B 216 -18.12 -35.80 7.58
N PRO B 217 -18.74 -36.99 7.56
CA PRO B 217 -18.97 -37.80 6.36
C PRO B 217 -19.82 -37.07 5.31
N HIS B 218 -20.69 -36.18 5.75
CA HIS B 218 -21.60 -35.51 4.82
C HIS B 218 -21.09 -34.13 4.42
N ASP B 219 -20.02 -33.69 5.07
CA ASP B 219 -19.47 -32.36 4.86
C ASP B 219 -18.03 -32.45 4.37
N PRO B 220 -17.83 -32.88 3.13
CA PRO B 220 -16.48 -33.01 2.56
C PRO B 220 -15.81 -31.66 2.19
N LEU B 221 -16.55 -30.56 2.20
CA LEU B 221 -15.91 -29.29 1.89
C LEU B 221 -15.11 -28.79 3.12
N MET B 222 -15.37 -29.41 4.27
CA MET B 222 -14.65 -29.10 5.50
C MET B 222 -13.12 -29.10 5.30
N PHE B 223 -12.63 -30.17 4.69
CA PHE B 223 -11.19 -30.35 4.51
C PHE B 223 -10.56 -29.29 3.62
N PRO B 224 -11.12 -29.06 2.43
CA PRO B 224 -10.61 -27.97 1.58
C PRO B 224 -10.62 -26.65 2.35
N ARG B 225 -11.71 -26.40 3.06
CA ARG B 225 -11.88 -25.14 3.77
C ARG B 225 -10.81 -24.96 4.82
N MET B 226 -10.52 -26.02 5.57
CA MET B 226 -9.49 -25.96 6.59
C MET B 226 -8.13 -25.64 5.99
N LEU B 227 -7.79 -26.33 4.91
CA LEU B 227 -6.50 -26.11 4.27
C LEU B 227 -6.39 -24.69 3.75
N MET B 228 -7.52 -24.10 3.38
CA MET B 228 -7.47 -22.76 2.81
C MET B 228 -7.16 -21.72 3.90
N LYS B 229 -7.44 -22.03 5.17
CA LYS B 229 -7.06 -21.14 6.25
C LYS B 229 -5.54 -20.92 6.26
N LEU B 230 -4.80 -21.98 5.93
CA LEU B 230 -3.35 -21.87 5.85
C LEU B 230 -2.93 -20.74 4.89
N VAL B 231 -3.71 -20.54 3.83
CA VAL B 231 -3.45 -19.45 2.91
C VAL B 231 -3.68 -18.07 3.55
N SER B 232 -4.83 -17.89 4.19
CA SER B 232 -5.10 -16.63 4.89
C SER B 232 -4.02 -16.29 5.90
N LEU B 233 -3.47 -17.30 6.56
CA LEU B 233 -2.48 -17.04 7.61
C LEU B 233 -1.26 -16.36 7.00
N ARG B 234 -0.95 -16.70 5.76
CA ARG B 234 0.14 -16.04 5.04
C ARG B 234 -0.05 -14.52 5.03
N THR B 235 -1.20 -14.08 4.58
CA THR B 235 -1.55 -12.67 4.62
C THR B 235 -1.55 -12.10 6.04
N LEU B 236 -2.16 -12.83 6.97
CA LEU B 236 -2.27 -12.31 8.32
C LEU B 236 -0.90 -12.14 8.95
N SER B 237 0.02 -13.03 8.61
CA SER B 237 1.41 -12.93 8.99
C SER B 237 2.05 -11.64 8.51
N SER B 238 1.71 -11.27 7.28
CA SER B 238 2.22 -10.05 6.67
C SER B 238 1.64 -8.81 7.35
N VAL B 239 0.35 -8.86 7.68
CA VAL B 239 -0.31 -7.76 8.35
C VAL B 239 0.24 -7.55 9.77
N HIS B 240 0.68 -8.65 10.39
CA HIS B 240 1.30 -8.60 11.71
C HIS B 240 2.67 -7.92 11.64
N SER B 241 3.47 -8.28 10.64
CA SER B 241 4.72 -7.56 10.37
C SER B 241 4.53 -6.03 10.29
N GLU B 242 3.48 -5.61 9.60
CA GLU B 242 3.18 -4.19 9.46
C GLU B 242 2.77 -3.58 10.80
N GLN B 243 2.07 -4.34 11.62
CA GLN B 243 1.69 -3.88 12.94
C GLN B 243 2.95 -3.65 13.77
N VAL B 244 3.93 -4.53 13.61
CA VAL B 244 5.20 -4.43 14.35
C VAL B 244 5.97 -3.15 14.00
N PHE B 245 6.14 -2.89 12.71
CA PHE B 245 6.61 -1.61 12.25
C PHE B 245 5.41 -0.69 12.24
N ALA B 246 5.18 -0.01 13.32
CA ALA B 246 4.01 0.84 13.46
C ALA B 246 4.01 1.05 14.92
N LEU B 247 4.08 -0.06 15.66
CA LEU B 247 4.41 -0.02 17.07
C LEU B 247 5.76 0.68 17.25
N ARG B 248 6.71 0.37 16.37
CA ARG B 248 8.01 1.06 16.38
C ARG B 248 7.91 2.59 16.18
N LEU B 249 6.99 3.03 15.34
CA LEU B 249 6.68 4.46 15.20
C LEU B 249 6.23 5.05 16.51
N GLN B 250 5.80 4.19 17.44
CA GLN B 250 5.36 4.67 18.75
C GLN B 250 6.43 4.37 19.81
N ASP B 251 7.62 4.04 19.33
CA ASP B 251 8.70 3.61 20.19
C ASP B 251 8.30 2.47 21.15
N LYS B 252 7.47 1.55 20.67
CA LYS B 252 7.17 0.32 21.43
C LYS B 252 7.88 -0.86 20.75
N LYS B 253 9.09 -1.15 21.21
CA LYS B 253 9.86 -2.25 20.66
C LYS B 253 9.46 -3.57 21.30
N LEU B 254 9.63 -4.65 20.56
CA LEU B 254 9.42 -5.97 21.13
C LEU B 254 10.55 -6.32 22.09
N PRO B 255 10.22 -7.05 23.17
CA PRO B 255 11.23 -7.65 24.05
C PRO B 255 12.10 -8.59 23.24
N PRO B 256 13.31 -8.89 23.74
CA PRO B 256 14.35 -9.69 23.09
C PRO B 256 13.85 -10.91 22.32
N LEU B 257 13.16 -11.83 22.99
CA LEU B 257 12.66 -13.05 22.35
C LEU B 257 11.75 -12.77 21.17
N LEU B 258 10.76 -11.90 21.37
CA LEU B 258 9.83 -11.52 20.32
C LEU B 258 10.56 -10.85 19.16
N SER B 259 11.48 -9.95 19.50
CA SER B 259 12.24 -9.20 18.50
C SER B 259 12.99 -10.15 17.59
N GLU B 260 13.63 -11.13 18.20
CA GLU B 260 14.39 -12.13 17.46
C GLU B 260 13.49 -12.86 16.44
N ILE B 261 12.25 -13.12 16.83
CA ILE B 261 11.29 -13.84 16.01
C ILE B 261 10.67 -12.94 14.93
N TRP B 262 10.35 -11.71 15.32
CA TRP B 262 9.42 -10.88 14.54
C TRP B 262 9.99 -9.60 13.93
N ASP B 263 11.12 -9.13 14.44
CA ASP B 263 11.80 -7.95 13.90
C ASP B 263 12.77 -8.38 12.82
N VAL B 264 13.83 -9.02 13.29
CA VAL B 264 14.99 -9.38 12.48
C VAL B 264 14.56 -9.99 11.15
N SER C 5 0.15 37.71 18.90
CA SER C 5 0.19 36.52 19.73
C SER C 5 0.33 35.25 18.89
N ALA C 6 0.62 35.40 17.60
CA ALA C 6 0.79 34.23 16.72
C ALA C 6 1.83 33.27 17.28
N ASN C 7 2.98 33.81 17.68
CA ASN C 7 4.02 32.99 18.27
C ASN C 7 3.60 32.40 19.61
N GLU C 8 2.70 33.09 20.31
CA GLU C 8 2.29 32.60 21.61
C GLU C 8 1.42 31.37 21.45
N ASP C 9 0.67 31.33 20.35
CA ASP C 9 -0.23 30.23 20.08
C ASP C 9 0.51 28.99 19.58
N MET C 10 1.76 29.18 19.17
CA MET C 10 2.55 28.10 18.58
C MET C 10 4.02 28.52 18.64
N PRO C 11 4.58 28.55 19.86
CA PRO C 11 5.92 29.11 20.11
C PRO C 11 7.05 28.46 19.32
N VAL C 12 7.62 29.31 18.48
CA VAL C 12 8.74 28.98 17.64
C VAL C 12 9.92 28.53 18.50
N GLU C 13 10.01 29.08 19.71
CA GLU C 13 11.02 28.65 20.69
C GLU C 13 10.87 27.17 21.08
N ARG C 14 9.64 26.76 21.37
CA ARG C 14 9.40 25.35 21.69
C ARG C 14 9.73 24.42 20.51
N ILE C 15 9.42 24.87 19.29
CA ILE C 15 9.68 24.05 18.10
C ILE C 15 11.17 23.78 17.90
N LEU C 16 11.97 24.83 18.08
CA LEU C 16 13.43 24.73 18.03
C LEU C 16 13.92 23.72 19.08
N GLU C 17 13.45 23.84 20.31
CA GLU C 17 13.83 22.90 21.37
C GLU C 17 13.51 21.46 20.94
N ALA C 18 12.31 21.25 20.39
CA ALA C 18 11.93 19.96 19.82
C ALA C 18 13.01 19.40 18.89
N GLU C 19 13.48 20.21 17.94
CA GLU C 19 14.55 19.81 17.03
C GLU C 19 15.88 19.55 17.74
N LEU C 20 16.24 20.43 18.67
CA LEU C 20 17.46 20.26 19.46
C LEU C 20 17.42 18.98 20.29
N ALA C 21 16.29 18.71 20.91
CA ALA C 21 16.19 17.55 21.79
C ALA C 21 16.44 16.23 21.04
N VAL C 22 16.36 16.26 19.71
CA VAL C 22 16.72 15.08 18.92
C VAL C 22 17.90 15.35 17.99
N ASP C 43 26.20 -2.30 1.53
CA ASP C 43 25.55 -1.49 0.52
C ASP C 43 24.80 -0.29 1.12
N PRO C 44 24.71 0.82 0.37
CA PRO C 44 24.19 2.11 0.84
C PRO C 44 22.75 2.03 1.36
N VAL C 45 21.86 1.40 0.60
CA VAL C 45 20.45 1.31 0.96
C VAL C 45 20.26 0.68 2.33
N THR C 46 20.86 -0.49 2.53
CA THR C 46 20.85 -1.16 3.81
C THR C 46 21.29 -0.22 4.92
N ASN C 47 22.39 0.50 4.68
CA ASN C 47 22.84 1.48 5.68
C ASN C 47 21.85 2.63 5.90
N ILE C 48 21.13 3.03 4.86
CA ILE C 48 20.17 4.12 5.00
C ILE C 48 18.97 3.65 5.81
N CYS C 49 18.44 2.49 5.45
CA CYS C 49 17.37 1.88 6.24
C CYS C 49 17.73 1.74 7.72
N GLN C 50 18.93 1.27 7.99
CA GLN C 50 19.40 1.17 9.36
C GLN C 50 19.36 2.51 10.05
N ALA C 51 19.88 3.53 9.39
CA ALA C 51 19.86 4.87 9.99
C ALA C 51 18.40 5.30 10.28
N ALA C 52 17.52 5.00 9.35
CA ALA C 52 16.11 5.35 9.47
C ALA C 52 15.52 4.66 10.69
N ASP C 53 15.76 3.36 10.78
CA ASP C 53 15.31 2.54 11.91
C ASP C 53 15.78 3.14 13.22
N LYS C 54 17.07 3.43 13.31
CA LYS C 54 17.63 4.16 14.46
C LYS C 54 16.86 5.45 14.80
N GLN C 55 16.41 6.17 13.77
CA GLN C 55 15.76 7.45 14.02
C GLN C 55 14.26 7.35 14.35
N LEU C 56 13.71 6.15 14.25
CA LEU C 56 12.29 5.94 14.53
C LEU C 56 11.84 6.44 15.90
N PHE C 57 12.57 6.07 16.95
CA PHE C 57 12.21 6.47 18.32
C PHE C 57 12.13 7.97 18.53
N THR C 58 12.79 8.74 17.66
CA THR C 58 12.85 10.20 17.87
C THR C 58 11.57 10.86 17.42
N LEU C 59 10.73 10.12 16.71
CA LEU C 59 9.50 10.70 16.22
C LEU C 59 8.60 11.11 17.37
N VAL C 60 8.32 10.20 18.31
CA VAL C 60 7.46 10.54 19.44
C VAL C 60 8.12 11.57 20.35
N GLU C 61 9.43 11.47 20.51
CA GLU C 61 10.15 12.36 21.40
C GLU C 61 10.17 13.79 20.84
N TRP C 62 10.36 13.89 19.53
CA TRP C 62 10.23 15.19 18.86
C TRP C 62 8.80 15.73 18.94
N ALA C 63 7.81 14.90 18.59
CA ALA C 63 6.44 15.40 18.50
C ALA C 63 5.84 15.92 19.83
N LYS C 64 6.10 15.21 20.94
CA LYS C 64 5.55 15.64 22.23
C LYS C 64 6.03 17.04 22.64
N ARG C 65 7.14 17.49 22.05
CA ARG C 65 7.70 18.81 22.39
C ARG C 65 7.15 19.94 21.52
N ILE C 66 6.49 19.57 20.41
CA ILE C 66 5.78 20.50 19.54
C ILE C 66 4.49 20.91 20.21
N PRO C 67 4.26 22.23 20.38
CA PRO C 67 3.11 22.71 21.15
C PRO C 67 1.78 22.13 20.67
N HIS C 68 0.94 21.77 21.64
CA HIS C 68 -0.44 21.34 21.45
C HIS C 68 -0.62 19.91 20.92
N PHE C 69 0.46 19.32 20.39
CA PHE C 69 0.37 17.98 19.83
C PHE C 69 -0.03 16.92 20.88
N SER C 70 0.59 17.00 22.07
CA SER C 70 0.29 16.10 23.19
C SER C 70 -1.12 16.25 23.73
N GLU C 71 -1.76 17.38 23.45
CA GLU C 71 -3.19 17.56 23.79
C GLU C 71 -4.14 16.84 22.82
N LEU C 72 -3.66 16.43 21.67
CA LEU C 72 -4.47 15.63 20.77
C LEU C 72 -4.73 14.26 21.41
N PRO C 73 -5.90 13.67 21.13
CA PRO C 73 -6.22 12.29 21.52
C PRO C 73 -5.09 11.35 21.10
N LEU C 74 -4.70 10.42 21.96
CA LEU C 74 -3.61 9.49 21.64
C LEU C 74 -3.75 8.86 20.26
N ASP C 75 -5.00 8.60 19.87
CA ASP C 75 -5.28 7.90 18.61
C ASP C 75 -4.86 8.75 17.42
N ASP C 76 -5.12 10.05 17.51
CA ASP C 76 -4.75 10.98 16.45
C ASP C 76 -3.23 11.20 16.37
N GLN C 77 -2.57 11.20 17.53
CA GLN C 77 -1.13 11.39 17.56
C GLN C 77 -0.47 10.30 16.74
N VAL C 78 -0.92 9.08 16.98
CA VAL C 78 -0.45 7.89 16.30
C VAL C 78 -0.67 8.00 14.80
N ILE C 79 -1.88 8.36 14.42
CA ILE C 79 -2.18 8.53 13.01
C ILE C 79 -1.26 9.59 12.39
N LEU C 80 -1.12 10.75 13.04
CA LEU C 80 -0.25 11.81 12.50
C LEU C 80 1.17 11.33 12.26
N LEU C 81 1.72 10.58 13.21
CA LEU C 81 3.08 10.09 13.05
C LEU C 81 3.18 8.97 12.02
N ARG C 82 2.21 8.08 11.99
CA ARG C 82 2.23 7.03 10.99
C ARG C 82 2.23 7.66 9.58
N ALA C 83 1.44 8.71 9.40
CA ALA C 83 1.32 9.37 8.09
C ALA C 83 2.56 10.19 7.71
N GLY C 84 3.17 10.89 8.68
CA GLY C 84 4.24 11.82 8.36
C GLY C 84 5.66 11.29 8.46
N TRP C 85 5.84 10.10 9.03
CA TRP C 85 7.16 9.70 9.52
C TRP C 85 8.25 9.74 8.44
N ASN C 86 7.99 9.26 7.23
CA ASN C 86 9.06 9.26 6.26
C ASN C 86 9.42 10.69 5.82
N GLU C 87 8.42 11.53 5.60
CA GLU C 87 8.69 12.93 5.30
C GLU C 87 9.45 13.62 6.45
N LEU C 88 9.10 13.29 7.69
CA LEU C 88 9.75 13.90 8.84
C LEU C 88 11.24 13.55 8.90
N LEU C 89 11.55 12.29 8.66
CA LEU C 89 12.92 11.79 8.65
C LEU C 89 13.74 12.31 7.47
N ILE C 90 13.12 12.34 6.28
CA ILE C 90 13.77 12.85 5.11
C ILE C 90 14.14 14.33 5.32
N ALA C 91 13.20 15.14 5.80
CA ALA C 91 13.48 16.55 6.08
C ALA C 91 14.74 16.69 6.95
N SER C 92 14.83 15.85 7.98
CA SER C 92 15.87 15.99 9.00
C SER C 92 17.26 15.64 8.51
N PHE C 93 17.41 14.52 7.84
CA PHE C 93 18.75 14.17 7.41
C PHE C 93 19.21 15.09 6.26
N SER C 94 18.26 15.58 5.47
CA SER C 94 18.57 16.55 4.42
C SER C 94 19.16 17.83 5.01
N HIS C 95 18.50 18.40 6.01
CA HIS C 95 19.04 19.56 6.69
C HIS C 95 20.40 19.29 7.34
N ARG C 96 20.55 18.11 7.93
CA ARG C 96 21.82 17.72 8.53
C ARG C 96 22.92 17.61 7.45
N SER C 97 22.52 17.38 6.21
CA SER C 97 23.47 17.09 5.13
C SER C 97 23.97 18.35 4.45
N ILE C 98 23.64 19.51 4.99
CA ILE C 98 23.98 20.77 4.36
C ILE C 98 25.49 20.90 4.14
N ALA C 99 26.26 20.43 5.10
CA ALA C 99 27.71 20.58 5.03
C ALA C 99 28.37 19.60 4.04
N VAL C 100 27.77 18.43 3.86
CA VAL C 100 28.38 17.45 2.98
C VAL C 100 28.19 17.78 1.50
N LYS C 101 29.12 17.30 0.68
CA LYS C 101 29.20 17.67 -0.72
C LYS C 101 28.70 16.53 -1.59
N ASP C 102 27.57 16.75 -2.23
CA ASP C 102 26.98 15.76 -3.13
C ASP C 102 26.67 14.45 -2.41
N GLY C 103 26.15 14.55 -1.18
CA GLY C 103 25.73 13.37 -0.45
C GLY C 103 24.94 13.66 0.80
N ILE C 104 24.70 12.63 1.59
CA ILE C 104 23.96 12.82 2.83
C ILE C 104 24.72 12.28 4.03
N LEU C 105 24.44 12.87 5.18
CA LEU C 105 24.99 12.38 6.44
C LEU C 105 23.90 11.67 7.24
N LEU C 106 24.07 10.37 7.45
CA LEU C 106 23.11 9.54 8.19
C LEU C 106 23.21 9.78 9.70
N ALA C 107 22.18 9.39 10.44
CA ALA C 107 22.20 9.55 11.88
C ALA C 107 23.29 8.68 12.53
N THR C 108 23.69 7.62 11.83
CA THR C 108 24.78 6.75 12.26
C THR C 108 26.17 7.33 11.98
N GLY C 109 26.23 8.47 11.29
CA GLY C 109 27.48 9.13 11.03
C GLY C 109 28.15 8.73 9.73
N LEU C 110 27.59 7.78 9.00
CA LEU C 110 28.12 7.42 7.68
C LEU C 110 27.77 8.53 6.69
N HIS C 111 28.66 8.79 5.73
CA HIS C 111 28.29 9.62 4.61
C HIS C 111 27.86 8.70 3.46
N VAL C 112 26.95 9.18 2.62
CA VAL C 112 26.65 8.46 1.39
C VAL C 112 26.76 9.44 0.24
N HIS C 113 27.65 9.13 -0.70
CA HIS C 113 27.91 10.04 -1.81
C HIS C 113 27.01 9.72 -3.00
N ARG C 114 26.79 10.73 -3.83
CA ARG C 114 26.06 10.58 -5.08
C ARG C 114 26.50 9.31 -5.81
N ASN C 115 27.81 9.19 -5.98
CA ASN C 115 28.38 8.12 -6.81
C ASN C 115 28.00 6.74 -6.31
N SER C 116 28.00 6.56 -5.00
CA SER C 116 27.63 5.30 -4.39
C SER C 116 26.13 5.04 -4.50
N ALA C 117 25.33 6.10 -4.50
CA ALA C 117 23.88 5.95 -4.69
C ALA C 117 23.50 5.44 -6.10
N HIS C 118 24.14 5.98 -7.13
CA HIS C 118 23.81 5.53 -8.50
C HIS C 118 24.21 4.08 -8.72
N SER C 119 25.43 3.74 -8.30
CA SER C 119 25.91 2.38 -8.38
C SER C 119 24.98 1.39 -7.69
N ALA C 120 24.25 1.84 -6.67
CA ALA C 120 23.28 0.98 -6.00
C ALA C 120 21.93 1.07 -6.68
N GLY C 121 21.83 1.92 -7.69
CA GLY C 121 20.61 2.04 -8.46
C GLY C 121 19.50 2.85 -7.82
N VAL C 122 19.84 3.67 -6.82
CA VAL C 122 18.85 4.62 -6.29
C VAL C 122 19.20 6.09 -6.61
N GLY C 123 20.16 6.28 -7.51
CA GLY C 123 20.63 7.60 -7.91
C GLY C 123 19.56 8.56 -8.42
N ALA C 124 18.47 8.02 -8.97
CA ALA C 124 17.37 8.86 -9.41
C ALA C 124 16.81 9.65 -8.23
N ILE C 125 16.27 8.94 -7.26
CA ILE C 125 15.62 9.55 -6.12
C ILE C 125 16.62 10.27 -5.18
N PHE C 126 17.88 9.85 -5.24
CA PHE C 126 18.92 10.42 -4.40
C PHE C 126 19.30 11.81 -4.90
N ASP C 127 19.43 11.93 -6.22
CA ASP C 127 19.69 13.22 -6.82
C ASP C 127 18.56 14.19 -6.52
N ARG C 128 17.32 13.71 -6.60
CA ARG C 128 16.20 14.56 -6.22
C ARG C 128 16.30 15.04 -4.77
N VAL C 129 16.67 14.14 -3.85
CA VAL C 129 16.90 14.59 -2.48
C VAL C 129 17.96 15.70 -2.42
N LEU C 130 19.10 15.50 -3.07
CA LEU C 130 20.18 16.50 -3.00
C LEU C 130 19.79 17.87 -3.54
N THR C 131 19.20 17.89 -4.74
CA THR C 131 18.90 19.19 -5.36
C THR C 131 17.63 19.86 -4.84
N GLU C 132 16.57 19.09 -4.61
CA GLU C 132 15.33 19.67 -4.13
C GLU C 132 15.33 20.01 -2.63
N LEU C 133 16.16 19.32 -1.85
CA LEU C 133 16.10 19.53 -0.42
C LEU C 133 17.42 20.02 0.12
N VAL C 134 18.44 19.15 0.11
CA VAL C 134 19.74 19.56 0.66
C VAL C 134 20.26 20.88 0.06
N SER C 135 20.37 20.96 -1.25
CA SER C 135 20.90 22.19 -1.88
C SER C 135 20.07 23.44 -1.58
N LYS C 136 18.75 23.30 -1.60
CA LYS C 136 17.87 24.42 -1.32
C LYS C 136 18.08 24.91 0.11
N MET C 137 18.23 23.96 1.03
CA MET C 137 18.41 24.31 2.41
C MET C 137 19.72 25.04 2.60
N ARG C 138 20.77 24.53 1.97
CA ARG C 138 22.08 25.17 1.96
C ARG C 138 22.03 26.62 1.42
N ASP C 139 21.56 26.76 0.19
CA ASP C 139 21.58 28.06 -0.50
C ASP C 139 20.80 29.15 0.24
N MET C 140 19.63 28.82 0.78
CA MET C 140 18.87 29.80 1.55
C MET C 140 19.33 29.84 3.00
N GLN C 141 20.23 28.93 3.36
CA GLN C 141 20.61 28.79 4.76
C GLN C 141 19.38 28.70 5.65
N MET C 142 18.46 27.82 5.30
CA MET C 142 17.33 27.51 6.18
C MET C 142 17.84 27.13 7.58
N ASP C 143 17.33 27.79 8.61
CA ASP C 143 17.77 27.49 9.98
C ASP C 143 16.97 26.35 10.66
N LYS C 144 17.34 26.03 11.90
CA LYS C 144 16.75 24.92 12.61
C LYS C 144 15.30 25.18 12.99
N THR C 145 14.98 26.44 13.27
CA THR C 145 13.62 26.82 13.61
C THR C 145 12.68 26.67 12.42
N GLU C 146 13.13 27.14 11.26
CA GLU C 146 12.39 26.98 10.01
C GLU C 146 12.19 25.50 9.68
N LEU C 147 13.26 24.72 9.77
CA LEU C 147 13.14 23.29 9.55
C LEU C 147 12.11 22.70 10.50
N GLY C 148 12.24 23.03 11.79
CA GLY C 148 11.29 22.55 12.77
C GLY C 148 9.85 22.90 12.44
N CYS C 149 9.62 24.14 11.99
CA CYS C 149 8.28 24.59 11.58
C CYS C 149 7.77 23.81 10.36
N LEU C 150 8.64 23.59 9.38
CA LEU C 150 8.26 22.85 8.19
C LEU C 150 7.87 21.45 8.61
N ARG C 151 8.65 20.88 9.54
CA ARG C 151 8.33 19.55 10.03
C ARG C 151 7.03 19.59 10.82
N ALA C 152 6.77 20.65 11.56
CA ALA C 152 5.50 20.70 12.28
C ALA C 152 4.32 20.72 11.30
N ILE C 153 4.46 21.40 10.17
CA ILE C 153 3.42 21.46 9.15
C ILE C 153 3.15 20.08 8.53
N VAL C 154 4.23 19.35 8.25
CA VAL C 154 4.09 17.97 7.80
C VAL C 154 3.35 17.12 8.85
N LEU C 155 3.76 17.24 10.12
CA LEU C 155 3.11 16.54 11.23
C LEU C 155 1.60 16.78 11.31
N PHE C 156 1.20 18.05 11.32
CA PHE C 156 -0.19 18.42 11.50
C PHE C 156 -0.98 18.36 10.18
N ASN C 157 -1.07 17.16 9.63
CA ASN C 157 -1.72 16.94 8.34
C ASN C 157 -3.14 16.42 8.56
N PRO C 158 -4.15 17.27 8.32
CA PRO C 158 -5.54 16.96 8.67
C PRO C 158 -6.17 15.99 7.67
N ASP C 159 -5.44 15.59 6.64
CA ASP C 159 -6.03 14.79 5.59
C ASP C 159 -5.75 13.29 5.74
N SER C 160 -5.09 12.92 6.84
CA SER C 160 -4.85 11.52 7.13
C SER C 160 -6.13 10.82 7.60
N LYS C 161 -6.35 9.61 7.10
CA LYS C 161 -7.59 8.91 7.37
C LYS C 161 -7.66 8.38 8.79
N GLY C 162 -8.86 8.46 9.37
CA GLY C 162 -9.11 7.91 10.69
C GLY C 162 -8.84 8.91 11.80
N LEU C 163 -8.82 10.18 11.46
CA LEU C 163 -8.59 11.22 12.45
C LEU C 163 -9.91 11.51 13.16
N SER C 164 -9.87 11.60 14.49
CA SER C 164 -11.06 11.82 15.29
C SER C 164 -11.58 13.26 15.09
N ASN C 165 -10.66 14.20 14.89
CA ASN C 165 -11.07 15.55 14.54
C ASN C 165 -10.05 16.27 13.67
N PRO C 166 -10.20 16.16 12.35
CA PRO C 166 -9.26 16.76 11.40
C PRO C 166 -9.20 18.28 11.53
N ALA C 167 -10.33 18.90 11.89
CA ALA C 167 -10.39 20.35 11.92
C ALA C 167 -9.48 20.89 13.01
N GLU C 168 -9.28 20.08 14.03
CA GLU C 168 -8.42 20.38 15.17
C GLU C 168 -6.96 20.43 14.69
N VAL C 169 -6.55 19.36 14.00
CA VAL C 169 -5.22 19.24 13.45
C VAL C 169 -4.95 20.37 12.48
N GLU C 170 -5.98 20.74 11.72
CA GLU C 170 -5.89 21.79 10.72
C GLU C 170 -5.70 23.17 11.38
N ALA C 171 -6.47 23.43 12.43
CA ALA C 171 -6.26 24.63 13.22
C ALA C 171 -4.80 24.71 13.70
N LEU C 172 -4.24 23.58 14.11
CA LEU C 172 -2.87 23.57 14.63
C LEU C 172 -1.88 23.93 13.54
N ARG C 173 -2.08 23.35 12.35
CA ARG C 173 -1.20 23.61 11.22
C ARG C 173 -1.25 25.07 10.76
N GLU C 174 -2.44 25.67 10.82
CA GLU C 174 -2.59 27.09 10.50
C GLU C 174 -1.88 27.95 11.54
N LYS C 175 -1.86 27.49 12.80
CA LYS C 175 -1.06 28.19 13.79
C LYS C 175 0.44 28.11 13.49
N VAL C 176 0.89 27.06 12.81
CA VAL C 176 2.29 27.06 12.40
C VAL C 176 2.51 28.03 11.23
N TYR C 177 1.54 28.12 10.32
CA TYR C 177 1.63 29.07 9.21
C TYR C 177 1.93 30.44 9.79
N ALA C 178 1.02 30.92 10.64
CA ALA C 178 1.08 32.26 11.20
C ALA C 178 2.34 32.49 11.99
N SER C 179 2.71 31.52 12.84
CA SER C 179 3.90 31.64 13.68
C SER C 179 5.18 31.62 12.83
N LEU C 180 5.24 30.73 11.86
CA LEU C 180 6.38 30.68 10.95
C LEU C 180 6.52 32.00 10.16
N GLU C 181 5.41 32.56 9.71
CA GLU C 181 5.48 33.79 8.91
C GLU C 181 6.00 34.94 9.77
N ALA C 182 5.44 35.10 10.96
CA ALA C 182 5.91 36.13 11.88
C ALA C 182 7.41 36.02 12.16
N TYR C 183 7.89 34.79 12.37
CA TYR C 183 9.31 34.56 12.60
C TYR C 183 10.16 34.96 11.40
N CYS C 184 9.70 34.61 10.21
CA CYS C 184 10.44 34.97 9.00
C CYS C 184 10.50 36.49 8.83
N LYS C 185 9.41 37.18 9.10
CA LYS C 185 9.37 38.64 8.96
C LYS C 185 10.32 39.28 9.96
N HIS C 186 10.35 38.73 11.17
CA HIS C 186 11.21 39.28 12.22
C HIS C 186 12.70 39.04 11.96
N LYS C 187 13.07 37.77 11.78
CA LYS C 187 14.46 37.37 11.65
C LYS C 187 15.05 37.71 10.28
N TYR C 188 14.23 37.72 9.23
CA TYR C 188 14.72 38.00 7.88
C TYR C 188 13.93 39.07 7.11
N PRO C 189 13.81 40.29 7.68
CA PRO C 189 13.01 41.40 7.13
C PRO C 189 13.43 41.84 5.72
N GLU C 190 14.66 41.52 5.33
CA GLU C 190 15.14 41.85 3.99
C GLU C 190 14.68 40.81 2.96
N GLN C 191 14.20 39.65 3.42
CA GLN C 191 13.72 38.64 2.47
C GLN C 191 12.22 38.44 2.54
N PRO C 192 11.46 39.32 1.86
CA PRO C 192 9.99 39.36 1.87
C PRO C 192 9.41 38.07 1.33
N GLY C 193 10.18 37.39 0.48
CA GLY C 193 9.67 36.18 -0.13
C GLY C 193 10.07 34.89 0.59
N ARG C 194 10.67 35.00 1.79
CA ARG C 194 11.28 33.83 2.44
C ARG C 194 10.27 32.75 2.86
N PHE C 195 9.28 33.15 3.64
CA PHE C 195 8.14 32.33 4.02
C PHE C 195 7.63 31.41 2.88
N ALA C 196 7.27 32.02 1.76
CA ALA C 196 6.83 31.30 0.56
C ALA C 196 7.91 30.34 0.06
N LYS C 197 9.17 30.76 0.14
CA LYS C 197 10.28 29.89 -0.24
C LYS C 197 10.38 28.64 0.68
N LEU C 198 10.12 28.80 1.97
CA LEU C 198 10.07 27.65 2.86
C LEU C 198 8.92 26.69 2.48
N LEU C 199 7.72 27.24 2.29
CA LEU C 199 6.57 26.43 1.93
C LEU C 199 6.76 25.70 0.59
N LEU C 200 7.38 26.37 -0.37
CA LEU C 200 7.62 25.82 -1.69
C LEU C 200 8.54 24.59 -1.69
N ARG C 201 9.04 24.22 -0.53
CA ARG C 201 9.78 22.97 -0.41
C ARG C 201 8.91 21.76 -0.04
N LEU C 202 7.74 21.99 0.53
CA LEU C 202 6.82 20.90 0.89
C LEU C 202 6.32 20.03 -0.27
N PRO C 203 6.00 20.62 -1.44
CA PRO C 203 5.57 19.75 -2.55
C PRO C 203 6.66 18.78 -3.01
N ALA C 204 7.88 19.28 -3.12
CA ALA C 204 9.01 18.46 -3.49
C ALA C 204 9.25 17.38 -2.42
N LEU C 205 9.13 17.75 -1.14
CA LEU C 205 9.24 16.79 -0.05
C LEU C 205 8.15 15.72 -0.15
N ARG C 206 6.93 16.14 -0.41
CA ARG C 206 5.84 15.18 -0.51
C ARG C 206 6.10 14.11 -1.60
N SER C 207 6.50 14.55 -2.78
CA SER C 207 6.79 13.66 -3.92
C SER C 207 7.97 12.73 -3.66
N ILE C 208 8.99 13.27 -3.01
CA ILE C 208 10.14 12.47 -2.60
C ILE C 208 9.68 11.41 -1.60
N GLY C 209 8.88 11.83 -0.62
CA GLY C 209 8.25 10.92 0.30
C GLY C 209 7.47 9.79 -0.35
N LEU C 210 6.55 10.11 -1.26
CA LEU C 210 5.78 9.08 -1.96
C LEU C 210 6.70 8.11 -2.69
N LYS C 211 7.73 8.64 -3.34
CA LYS C 211 8.59 7.78 -4.12
C LYS C 211 9.39 6.83 -3.22
N CYS C 212 9.84 7.34 -2.06
CA CYS C 212 10.62 6.54 -1.12
C CYS C 212 9.85 5.36 -0.56
N LEU C 213 8.52 5.46 -0.53
CA LEU C 213 7.73 4.28 -0.23
C LEU C 213 7.68 3.39 -1.50
N THR C 229 19.51 -15.94 19.56
CA THR C 229 20.10 -16.52 20.77
C THR C 229 19.04 -17.07 21.72
N PHE C 230 18.06 -16.23 22.06
CA PHE C 230 16.99 -16.63 22.98
C PHE C 230 16.21 -17.83 22.46
N LEU C 231 15.82 -17.80 21.20
CA LEU C 231 14.99 -18.86 20.63
C LEU C 231 15.70 -20.21 20.72
N MET C 232 17.01 -20.18 20.51
CA MET C 232 17.84 -21.38 20.61
C MET C 232 17.90 -21.88 22.06
N GLU C 233 17.93 -20.95 23.00
CA GLU C 233 17.89 -21.30 24.42
C GLU C 233 16.65 -22.13 24.70
N MET C 234 15.49 -21.59 24.34
CA MET C 234 14.22 -22.26 24.57
C MET C 234 14.20 -23.66 23.97
N LEU C 235 14.80 -23.80 22.80
CA LEU C 235 14.80 -25.05 22.07
C LEU C 235 15.55 -26.12 22.85
N GLU C 236 16.86 -25.90 23.02
CA GLU C 236 17.74 -26.89 23.64
C GLU C 236 17.48 -27.11 25.13
N ALA C 237 16.82 -26.15 25.78
CA ALA C 237 16.58 -26.23 27.22
C ALA C 237 15.48 -27.24 27.58
N PRO D 23 1.91 49.82 -0.72
CA PRO D 23 2.37 48.53 -1.21
C PRO D 23 1.29 47.84 -2.03
N GLN D 24 1.44 47.85 -3.35
CA GLN D 24 0.44 47.27 -4.24
C GLN D 24 1.06 46.58 -5.45
N LEU D 25 0.20 46.00 -6.30
CA LEU D 25 0.66 45.26 -7.47
C LEU D 25 1.29 46.20 -8.49
N SER D 26 2.46 45.83 -8.98
CA SER D 26 3.13 46.60 -10.03
C SER D 26 2.36 46.47 -11.35
N PRO D 27 2.54 47.43 -12.27
CA PRO D 27 1.89 47.31 -13.59
C PRO D 27 2.22 45.99 -14.28
N GLU D 28 3.50 45.62 -14.26
CA GLU D 28 3.97 44.34 -14.77
C GLU D 28 3.18 43.15 -14.26
N GLN D 29 2.92 43.12 -12.95
CA GLN D 29 2.19 42.02 -12.32
C GLN D 29 0.73 42.08 -12.75
N LEU D 30 0.17 43.29 -12.71
CA LEU D 30 -1.19 43.49 -13.21
C LEU D 30 -1.34 43.01 -14.66
N GLY D 31 -0.38 43.35 -15.51
CA GLY D 31 -0.40 42.99 -16.90
C GLY D 31 -0.28 41.48 -17.05
N MET D 32 0.65 40.92 -16.30
CA MET D 32 0.86 39.48 -16.34
C MET D 32 -0.40 38.68 -15.92
N ILE D 33 -1.10 39.16 -14.90
CA ILE D 33 -2.34 38.53 -14.45
C ILE D 33 -3.50 38.64 -15.45
N GLU D 34 -3.64 39.82 -16.08
CA GLU D 34 -4.62 40.01 -17.15
C GLU D 34 -4.40 39.04 -18.31
N LYS D 35 -3.13 38.89 -18.71
CA LYS D 35 -2.78 37.91 -19.73
C LYS D 35 -3.19 36.50 -19.32
N LEU D 36 -2.87 36.09 -18.09
CA LEU D 36 -3.21 34.72 -17.62
C LEU D 36 -4.71 34.47 -17.64
N VAL D 37 -5.47 35.41 -17.08
CA VAL D 37 -6.92 35.31 -17.07
C VAL D 37 -7.49 35.23 -18.50
N ALA D 38 -6.94 36.05 -19.40
CA ALA D 38 -7.38 36.09 -20.79
C ALA D 38 -6.97 34.81 -21.54
N ALA D 39 -5.74 34.36 -21.33
CA ALA D 39 -5.29 33.11 -21.92
C ALA D 39 -6.20 31.92 -21.54
N GLN D 40 -6.70 31.91 -20.30
CA GLN D 40 -7.56 30.81 -19.84
C GLN D 40 -8.94 30.83 -20.47
N GLN D 41 -9.58 32.00 -20.47
CA GLN D 41 -10.89 32.13 -21.11
C GLN D 41 -10.81 31.83 -22.60
N GLN D 42 -9.76 32.30 -23.24
CA GLN D 42 -9.60 32.07 -24.66
C GLN D 42 -9.31 30.60 -25.02
N CYS D 43 -8.43 29.95 -24.27
CA CYS D 43 -8.20 28.51 -24.42
C CYS D 43 -9.49 27.74 -24.19
N ASN D 44 -10.30 28.24 -23.26
CA ASN D 44 -11.58 27.64 -22.93
C ASN D 44 -12.56 27.60 -24.10
N ARG D 45 -12.52 28.64 -24.95
CA ARG D 45 -13.39 28.74 -26.10
C ARG D 45 -12.77 28.06 -27.31
N ARG D 46 -11.45 28.17 -27.43
CA ARG D 46 -10.73 27.54 -28.53
C ARG D 46 -11.01 26.04 -28.52
N SER D 47 -11.40 25.52 -27.35
CA SER D 47 -11.67 24.09 -27.15
C SER D 47 -13.17 23.81 -27.09
N PHE D 48 -13.96 24.87 -26.99
CA PHE D 48 -15.39 24.75 -26.85
C PHE D 48 -15.95 24.26 -28.17
N SER D 49 -15.32 24.72 -29.25
CA SER D 49 -15.76 24.42 -30.62
C SER D 49 -15.90 22.92 -30.92
N ASP D 50 -15.61 22.08 -29.94
CA ASP D 50 -15.82 20.64 -30.07
C ASP D 50 -16.15 19.99 -28.73
N ARG D 51 -17.31 20.33 -28.20
CA ARG D 51 -17.79 19.79 -26.95
C ARG D 51 -18.58 18.51 -27.20
N LEU D 52 -19.54 18.59 -28.11
CA LEU D 52 -20.40 17.44 -28.43
C LEU D 52 -19.73 16.55 -29.47
N ARG D 53 -18.63 17.03 -30.04
CA ARG D 53 -17.81 16.22 -30.92
C ARG D 53 -17.21 15.06 -30.11
N VAL D 54 -17.54 15.02 -28.83
CA VAL D 54 -17.11 13.97 -27.94
C VAL D 54 -18.19 12.89 -27.84
N THR D 55 -17.79 11.62 -27.90
CA THR D 55 -18.69 10.47 -27.70
C THR D 55 -19.64 10.75 -26.54
N PRO D 56 -20.94 10.53 -26.76
CA PRO D 56 -21.98 10.91 -25.79
C PRO D 56 -22.04 10.04 -24.54
N TRP D 57 -22.67 10.58 -23.51
CA TRP D 57 -22.92 9.85 -22.28
C TRP D 57 -24.11 8.90 -22.47
N PRO D 58 -23.89 7.60 -22.21
CA PRO D 58 -24.92 6.58 -22.37
C PRO D 58 -26.22 6.92 -21.62
N ILE D 59 -27.31 6.32 -22.08
CA ILE D 59 -28.60 6.47 -21.42
C ILE D 59 -29.16 5.07 -21.16
N ALA D 60 -28.28 4.08 -21.25
CA ALA D 60 -28.63 2.69 -20.95
C ALA D 60 -28.96 2.50 -19.48
N PRO D 61 -30.16 1.97 -19.21
CA PRO D 61 -30.62 1.69 -17.84
C PRO D 61 -30.18 0.30 -17.33
N ASP D 62 -28.94 -0.09 -17.58
CA ASP D 62 -28.44 -1.37 -17.05
C ASP D 62 -27.12 -1.21 -16.32
N PRO D 63 -27.17 -1.22 -14.98
CA PRO D 63 -25.98 -1.08 -14.13
C PRO D 63 -24.92 -2.11 -14.48
N GLN D 64 -25.36 -3.28 -14.95
CA GLN D 64 -24.45 -4.40 -15.20
C GLN D 64 -23.87 -4.44 -16.60
N SER D 65 -24.19 -3.44 -17.42
CA SER D 65 -23.74 -3.39 -18.81
C SER D 65 -22.26 -2.99 -18.96
N ARG D 66 -21.44 -3.91 -19.44
CA ARG D 66 -20.01 -3.65 -19.61
C ARG D 66 -19.78 -2.61 -20.70
N GLU D 67 -20.83 -2.38 -21.48
CA GLU D 67 -20.71 -1.58 -22.67
C GLU D 67 -21.14 -0.13 -22.46
N ALA D 68 -22.19 0.07 -21.66
CA ALA D 68 -22.52 1.41 -21.19
C ALA D 68 -21.32 1.93 -20.39
N ARG D 69 -20.64 1.01 -19.72
CA ARG D 69 -19.49 1.34 -18.88
C ARG D 69 -18.26 1.72 -19.71
N GLN D 70 -18.02 1.02 -20.80
CA GLN D 70 -16.89 1.33 -21.66
C GLN D 70 -17.11 2.66 -22.38
N GLN D 71 -18.38 2.98 -22.63
CA GLN D 71 -18.75 4.19 -23.36
C GLN D 71 -18.67 5.42 -22.47
N ARG D 72 -18.83 5.22 -21.16
CA ARG D 72 -18.63 6.31 -20.21
C ARG D 72 -17.14 6.59 -20.05
N PHE D 73 -16.33 5.53 -20.04
CA PHE D 73 -14.89 5.69 -19.94
C PHE D 73 -14.34 6.41 -21.19
N ALA D 74 -14.88 6.06 -22.35
CA ALA D 74 -14.48 6.69 -23.62
C ALA D 74 -14.82 8.18 -23.66
N HIS D 75 -16.02 8.51 -23.22
CA HIS D 75 -16.45 9.88 -23.03
C HIS D 75 -15.38 10.67 -22.26
N PHE D 76 -15.01 10.18 -21.07
CA PHE D 76 -14.03 10.86 -20.22
C PHE D 76 -12.65 10.97 -20.83
N THR D 77 -12.17 9.91 -21.48
CA THR D 77 -10.85 9.97 -22.07
C THR D 77 -10.84 11.01 -23.20
N GLU D 78 -12.00 11.19 -23.84
CA GLU D 78 -12.12 12.15 -24.92
C GLU D 78 -12.03 13.59 -24.41
N LEU D 79 -12.83 13.92 -23.40
CA LEU D 79 -12.77 15.22 -22.75
C LEU D 79 -11.40 15.46 -22.12
N ALA D 80 -10.76 14.41 -21.66
CA ALA D 80 -9.47 14.54 -21.01
C ALA D 80 -8.44 14.99 -22.05
N ILE D 81 -8.55 14.46 -23.26
CA ILE D 81 -7.71 14.90 -24.36
C ILE D 81 -7.98 16.35 -24.78
N VAL D 82 -9.22 16.77 -24.73
CA VAL D 82 -9.53 18.14 -24.97
C VAL D 82 -8.93 19.04 -23.87
N SER D 83 -8.87 18.55 -22.64
CA SER D 83 -8.29 19.32 -21.56
C SER D 83 -6.81 19.41 -21.71
N VAL D 84 -6.16 18.36 -22.13
CA VAL D 84 -4.71 18.36 -22.35
C VAL D 84 -4.33 19.40 -23.41
N GLN D 85 -5.03 19.38 -24.54
CA GLN D 85 -4.81 20.33 -25.62
C GLN D 85 -4.90 21.76 -25.11
N GLU D 86 -5.92 22.02 -24.29
CA GLU D 86 -6.16 23.34 -23.73
C GLU D 86 -5.02 23.79 -22.79
N ILE D 87 -4.49 22.85 -22.02
CA ILE D 87 -3.41 23.15 -21.07
C ILE D 87 -2.14 23.48 -21.82
N VAL D 88 -1.92 22.77 -22.92
CA VAL D 88 -0.80 23.03 -23.82
C VAL D 88 -0.96 24.40 -24.48
N ASP D 89 -2.17 24.72 -24.91
CA ASP D 89 -2.45 26.02 -25.49
C ASP D 89 -2.19 27.13 -24.48
N PHE D 90 -2.56 26.89 -23.23
CA PHE D 90 -2.36 27.86 -22.16
C PHE D 90 -0.90 27.99 -21.76
N ALA D 91 -0.16 26.88 -21.78
CA ALA D 91 1.25 26.92 -21.42
C ALA D 91 2.05 27.79 -22.40
N LYS D 92 1.80 27.60 -23.70
CA LYS D 92 2.42 28.44 -24.72
C LYS D 92 2.23 29.95 -24.49
N GLN D 93 1.10 30.36 -23.90
CA GLN D 93 0.88 31.77 -23.58
C GLN D 93 1.68 32.26 -22.36
N LEU D 94 2.36 31.35 -21.65
CA LEU D 94 3.14 31.74 -20.46
C LEU D 94 4.49 32.34 -20.83
N PRO D 95 4.74 33.57 -20.39
CA PRO D 95 6.04 34.20 -20.70
C PRO D 95 7.16 33.31 -20.18
N GLY D 96 8.08 32.92 -21.06
CA GLY D 96 9.22 32.12 -20.66
C GLY D 96 9.14 30.67 -21.08
N PHE D 97 7.92 30.12 -21.12
CA PHE D 97 7.72 28.72 -21.47
C PHE D 97 8.28 28.35 -22.84
N LEU D 98 8.00 29.20 -23.82
CA LEU D 98 8.39 28.91 -25.19
C LEU D 98 9.88 29.13 -25.42
N GLN D 99 10.50 29.87 -24.50
CA GLN D 99 11.94 30.10 -24.55
C GLN D 99 12.72 28.99 -23.87
N LEU D 100 12.03 28.02 -23.27
CA LEU D 100 12.67 26.84 -22.70
C LEU D 100 12.95 25.85 -23.80
N SER D 101 13.92 24.97 -23.60
CA SER D 101 14.16 23.92 -24.57
C SER D 101 12.85 23.18 -24.79
N ARG D 102 12.73 22.52 -25.94
CA ARG D 102 11.55 21.75 -26.24
C ARG D 102 11.36 20.56 -25.29
N GLU D 103 12.48 19.96 -24.85
CA GLU D 103 12.39 18.81 -23.95
C GLU D 103 11.93 19.25 -22.57
N ASP D 104 12.32 20.46 -22.18
CA ASP D 104 11.88 21.00 -20.92
C ASP D 104 10.37 21.28 -20.93
N GLN D 105 9.90 21.94 -21.98
CA GLN D 105 8.47 22.19 -22.11
C GLN D 105 7.66 20.91 -21.93
N ILE D 106 8.09 19.84 -22.61
CA ILE D 106 7.45 18.55 -22.50
C ILE D 106 7.56 18.01 -21.07
N ALA D 107 8.77 18.06 -20.52
CA ALA D 107 9.00 17.62 -19.14
C ALA D 107 8.01 18.27 -18.15
N LEU D 108 7.83 19.58 -18.27
CA LEU D 108 6.88 20.31 -17.42
C LEU D 108 5.43 19.92 -17.69
N LEU D 109 5.07 19.73 -18.95
CA LEU D 109 3.67 19.50 -19.30
C LEU D 109 3.19 18.11 -18.93
N LYS D 110 4.02 17.10 -19.18
CA LYS D 110 3.63 15.74 -18.91
C LYS D 110 3.37 15.55 -17.41
N THR D 111 4.20 16.15 -16.57
CA THR D 111 4.02 15.98 -15.13
C THR D 111 3.02 16.96 -14.50
N SER D 112 2.84 18.14 -15.11
CA SER D 112 1.90 19.11 -14.55
C SER D 112 0.43 18.84 -14.96
N ALA D 113 0.24 18.05 -16.02
CA ALA D 113 -1.07 17.87 -16.63
C ALA D 113 -2.20 17.49 -15.68
N ILE D 114 -2.03 16.39 -14.96
CA ILE D 114 -3.03 15.91 -14.02
C ILE D 114 -3.33 16.94 -12.91
N GLU D 115 -2.29 17.64 -12.45
CA GLU D 115 -2.49 18.61 -11.39
C GLU D 115 -3.36 19.79 -11.85
N VAL D 116 -3.09 20.29 -13.04
CA VAL D 116 -3.91 21.34 -13.65
C VAL D 116 -5.36 20.88 -13.89
N MET D 117 -5.53 19.67 -14.37
CA MET D 117 -6.89 19.14 -14.55
C MET D 117 -7.65 19.04 -13.22
N LEU D 118 -6.95 18.69 -12.16
CA LEU D 118 -7.56 18.63 -10.84
C LEU D 118 -7.84 20.02 -10.25
N LEU D 119 -6.93 20.97 -10.48
CA LEU D 119 -7.25 22.37 -10.19
C LEU D 119 -8.48 22.83 -10.96
N GLU D 120 -8.48 22.57 -12.28
CA GLU D 120 -9.61 22.88 -13.13
C GLU D 120 -10.87 22.18 -12.60
N THR D 121 -10.72 20.95 -12.15
CA THR D 121 -11.83 20.20 -11.57
C THR D 121 -12.38 20.92 -10.34
N SER D 122 -11.48 21.33 -9.43
CA SER D 122 -11.90 21.92 -8.17
C SER D 122 -12.56 23.27 -8.41
N ARG D 123 -12.12 23.95 -9.47
CA ARG D 123 -12.69 25.23 -9.85
C ARG D 123 -14.16 25.08 -10.28
N ARG D 124 -14.52 23.90 -10.78
CA ARG D 124 -15.86 23.71 -11.30
C ARG D 124 -16.74 22.84 -10.41
N TYR D 125 -16.37 22.75 -9.14
CA TYR D 125 -17.13 21.92 -8.20
C TYR D 125 -18.35 22.63 -7.66
N ASN D 126 -19.50 21.96 -7.79
CA ASN D 126 -20.77 22.52 -7.32
C ASN D 126 -21.11 21.94 -5.96
N PRO D 127 -20.90 22.74 -4.90
CA PRO D 127 -21.03 22.25 -3.52
C PRO D 127 -22.44 21.73 -3.19
N GLY D 128 -23.47 22.27 -3.85
CA GLY D 128 -24.83 21.87 -3.57
C GLY D 128 -25.17 20.45 -4.02
N SER D 129 -24.89 20.17 -5.29
CA SER D 129 -25.18 18.86 -5.87
C SER D 129 -24.02 17.87 -5.72
N GLU D 130 -22.92 18.33 -5.14
CA GLU D 130 -21.69 17.54 -5.06
C GLU D 130 -21.25 16.95 -6.41
N SER D 131 -21.19 17.80 -7.42
CA SER D 131 -20.77 17.36 -8.72
C SER D 131 -19.76 18.33 -9.29
N ILE D 132 -19.15 17.95 -10.42
CA ILE D 132 -18.26 18.82 -11.16
C ILE D 132 -18.83 19.11 -12.52
N THR D 133 -18.96 20.39 -12.85
CA THR D 133 -19.49 20.80 -14.13
C THR D 133 -18.37 21.07 -15.12
N PHE D 134 -18.30 20.29 -16.18
CA PHE D 134 -17.24 20.50 -17.15
C PHE D 134 -17.66 21.44 -18.29
N LEU D 135 -18.93 21.38 -18.67
CA LEU D 135 -19.47 22.27 -19.70
C LEU D 135 -20.98 22.36 -19.59
N LYS D 136 -21.50 23.52 -19.17
CA LYS D 136 -22.94 23.78 -19.12
C LYS D 136 -23.81 22.54 -19.34
N ASP D 137 -24.47 22.09 -18.28
CA ASP D 137 -25.33 20.91 -18.34
C ASP D 137 -24.53 19.61 -18.35
N PHE D 138 -23.23 19.74 -18.09
CA PHE D 138 -22.33 18.61 -18.01
C PHE D 138 -21.85 18.45 -16.58
N SER D 139 -22.77 18.16 -15.68
CA SER D 139 -22.43 17.86 -14.30
C SER D 139 -22.18 16.37 -14.12
N TYR D 140 -21.29 16.02 -13.20
CA TYR D 140 -21.02 14.62 -12.92
C TYR D 140 -20.78 14.47 -11.44
N ASN D 141 -21.44 13.49 -10.82
CA ASN D 141 -21.17 13.19 -9.42
C ASN D 141 -20.29 11.95 -9.25
N ARG D 142 -20.15 11.50 -8.01
CA ARG D 142 -19.31 10.34 -7.70
C ARG D 142 -19.83 9.06 -8.35
N GLU D 143 -21.15 8.91 -8.34
CA GLU D 143 -21.80 7.77 -8.98
C GLU D 143 -21.45 7.72 -10.47
N ASP D 144 -21.50 8.85 -11.15
CA ASP D 144 -21.22 8.88 -12.60
C ASP D 144 -19.82 8.38 -12.90
N PHE D 145 -18.87 8.70 -12.03
CA PHE D 145 -17.48 8.28 -12.21
C PHE D 145 -17.30 6.80 -11.87
N ALA D 146 -17.92 6.33 -10.79
CA ALA D 146 -17.91 4.90 -10.51
C ALA D 146 -18.48 4.12 -11.70
N LYS D 147 -19.53 4.65 -12.31
CA LYS D 147 -20.16 3.97 -13.46
C LYS D 147 -19.25 3.87 -14.69
N ALA D 148 -18.20 4.70 -14.75
CA ALA D 148 -17.21 4.52 -15.81
C ALA D 148 -16.16 3.51 -15.39
N GLY D 149 -16.28 3.00 -14.17
CA GLY D 149 -15.37 1.98 -13.67
C GLY D 149 -14.21 2.50 -12.84
N LEU D 150 -14.25 3.77 -12.44
CA LEU D 150 -13.20 4.36 -11.61
C LEU D 150 -13.36 3.99 -10.13
N GLN D 151 -12.28 3.54 -9.51
CA GLN D 151 -12.34 3.07 -8.13
C GLN D 151 -12.56 4.20 -7.12
N VAL D 152 -13.03 3.82 -5.93
CA VAL D 152 -13.40 4.76 -4.87
C VAL D 152 -12.19 5.47 -4.24
N GLU D 153 -11.02 4.84 -4.28
CA GLU D 153 -9.82 5.43 -3.71
C GLU D 153 -9.28 6.55 -4.59
N PHE D 154 -9.76 6.65 -5.83
CA PHE D 154 -9.43 7.76 -6.71
C PHE D 154 -10.50 8.84 -6.61
N ILE D 155 -11.76 8.45 -6.69
CA ILE D 155 -12.88 9.39 -6.72
C ILE D 155 -13.03 10.24 -5.48
N ASN D 156 -13.06 9.59 -4.30
CA ASN D 156 -13.24 10.30 -3.04
C ASN D 156 -12.22 11.41 -2.67
N PRO D 157 -10.91 11.14 -2.79
CA PRO D 157 -9.91 12.19 -2.51
C PRO D 157 -10.05 13.41 -3.43
N ILE D 158 -10.30 13.17 -4.72
CA ILE D 158 -10.51 14.27 -5.65
C ILE D 158 -11.74 15.10 -5.25
N PHE D 159 -12.86 14.42 -4.99
CA PHE D 159 -14.03 15.14 -4.51
C PHE D 159 -13.77 15.88 -3.19
N GLU D 160 -13.05 15.25 -2.26
CA GLU D 160 -12.70 15.92 -0.99
C GLU D 160 -11.84 17.15 -1.28
N PHE D 161 -10.88 17.00 -2.18
CA PHE D 161 -10.01 18.08 -2.57
C PHE D 161 -10.76 19.25 -3.22
N SER D 162 -11.70 18.93 -4.11
CA SER D 162 -12.46 19.97 -4.82
C SER D 162 -13.40 20.71 -3.87
N ARG D 163 -13.95 19.98 -2.91
CA ARG D 163 -14.75 20.59 -1.87
C ARG D 163 -13.95 21.63 -1.08
N ALA D 164 -12.79 21.23 -0.58
CA ALA D 164 -11.95 22.13 0.23
C ALA D 164 -11.44 23.31 -0.60
N MET D 165 -11.11 23.05 -1.86
CA MET D 165 -10.71 24.09 -2.78
C MET D 165 -11.84 25.10 -2.96
N ASN D 166 -13.05 24.61 -3.21
CA ASN D 166 -14.24 25.45 -3.35
C ASN D 166 -14.46 26.34 -2.13
N GLU D 167 -14.18 25.82 -0.93
CA GLU D 167 -14.33 26.62 0.29
C GLU D 167 -13.39 27.82 0.38
N LEU D 168 -12.23 27.75 -0.26
CA LEU D 168 -11.36 28.92 -0.32
C LEU D 168 -11.98 30.05 -1.17
N GLN D 169 -12.89 29.70 -2.09
CA GLN D 169 -13.52 30.69 -2.98
C GLN D 169 -12.47 31.55 -3.70
N LEU D 170 -11.55 30.89 -4.37
CA LEU D 170 -10.57 31.57 -5.19
C LEU D 170 -11.30 32.13 -6.41
N ASN D 171 -10.72 33.16 -7.02
CA ASN D 171 -11.28 33.73 -8.23
C ASN D 171 -10.47 33.27 -9.44
N ASP D 172 -10.79 33.79 -10.62
CA ASP D 172 -10.11 33.41 -11.87
C ASP D 172 -8.60 33.69 -11.82
N ALA D 173 -8.22 34.85 -11.33
CA ALA D 173 -6.82 35.23 -11.31
C ALA D 173 -6.03 34.26 -10.41
N GLU D 174 -6.63 33.90 -9.29
CA GLU D 174 -5.97 33.01 -8.35
C GLU D 174 -5.78 31.61 -8.91
N PHE D 175 -6.82 31.02 -9.50
CA PHE D 175 -6.64 29.70 -10.13
C PHE D 175 -5.57 29.78 -11.22
N ALA D 176 -5.60 30.87 -11.98
CA ALA D 176 -4.68 31.01 -13.10
C ALA D 176 -3.22 31.09 -12.63
N LEU D 177 -2.97 31.89 -11.61
CA LEU D 177 -1.64 31.97 -11.00
C LEU D 177 -1.21 30.60 -10.46
N LEU D 178 -2.14 29.96 -9.77
CA LEU D 178 -1.90 28.66 -9.20
C LEU D 178 -1.54 27.66 -10.30
N ILE D 179 -2.21 27.77 -11.44
CA ILE D 179 -1.96 26.87 -12.56
C ILE D 179 -0.55 27.08 -13.09
N ALA D 180 -0.15 28.34 -13.17
CA ALA D 180 1.18 28.64 -13.70
C ALA D 180 2.29 28.20 -12.72
N ILE D 181 2.09 28.42 -11.43
CA ILE D 181 3.03 27.94 -10.41
C ILE D 181 3.24 26.44 -10.52
N SER D 182 2.14 25.72 -10.78
CA SER D 182 2.19 24.27 -10.88
C SER D 182 2.94 23.80 -12.13
N ILE D 183 2.64 24.37 -13.28
CA ILE D 183 3.40 24.09 -14.51
C ILE D 183 4.90 24.39 -14.36
N PHE D 184 5.26 25.44 -13.61
CA PHE D 184 6.65 25.84 -13.50
C PHE D 184 7.27 25.27 -12.24
N SER D 185 7.19 23.95 -12.10
CA SER D 185 7.81 23.26 -10.97
C SER D 185 9.14 22.69 -11.43
N ALA D 186 10.23 23.11 -10.80
CA ALA D 186 11.57 22.71 -11.24
C ALA D 186 11.90 21.24 -10.96
N ASP D 187 11.18 20.64 -9.99
CA ASP D 187 11.46 19.26 -9.58
C ASP D 187 10.77 18.17 -10.43
N ARG D 188 10.08 18.53 -11.50
CA ARG D 188 9.50 17.48 -12.32
C ARG D 188 10.64 16.68 -12.92
N PRO D 189 10.44 15.37 -13.08
CA PRO D 189 11.46 14.49 -13.67
C PRO D 189 11.89 15.01 -15.05
N ASN D 190 13.19 14.96 -15.33
CA ASN D 190 13.74 15.31 -16.64
C ASN D 190 13.72 16.80 -16.99
N VAL D 191 13.78 17.65 -15.98
CA VAL D 191 13.96 19.07 -16.26
C VAL D 191 15.44 19.32 -16.34
N GLN D 192 15.88 19.94 -17.43
CA GLN D 192 17.29 20.30 -17.57
C GLN D 192 17.55 21.65 -16.86
N ASP D 193 16.87 22.71 -17.32
CA ASP D 193 17.15 24.05 -16.82
C ASP D 193 16.34 24.41 -15.55
N GLN D 194 16.66 23.71 -14.47
CA GLN D 194 15.94 23.88 -13.21
C GLN D 194 15.99 25.31 -12.67
N LEU D 195 17.08 26.01 -12.94
CA LEU D 195 17.28 27.36 -12.42
C LEU D 195 16.37 28.37 -13.13
N GLN D 196 16.30 28.27 -14.46
CA GLN D 196 15.39 29.08 -15.26
C GLN D 196 13.91 28.80 -14.91
N VAL D 197 13.58 27.53 -14.73
CA VAL D 197 12.22 27.16 -14.36
C VAL D 197 11.82 27.75 -13.00
N GLU D 198 12.70 27.63 -11.99
CA GLU D 198 12.51 28.28 -10.69
C GLU D 198 12.34 29.80 -10.79
N ARG D 199 13.20 30.43 -11.58
CA ARG D 199 13.12 31.89 -11.75
C ARG D 199 11.74 32.25 -12.31
N LEU D 200 11.28 31.47 -13.30
CA LEU D 200 9.97 31.71 -13.86
C LEU D 200 8.88 31.56 -12.81
N GLN D 201 8.95 30.47 -12.03
CA GLN D 201 7.93 30.21 -11.02
C GLN D 201 7.90 31.28 -9.95
N HIS D 202 9.08 31.68 -9.48
CA HIS D 202 9.18 32.76 -8.49
C HIS D 202 8.35 33.97 -8.88
N THR D 203 8.32 34.31 -10.17
CA THR D 203 7.58 35.48 -10.62
C THR D 203 6.06 35.39 -10.35
N TYR D 204 5.50 34.22 -10.64
CA TYR D 204 4.10 33.95 -10.32
C TYR D 204 3.80 33.86 -8.83
N VAL D 205 4.70 33.24 -8.06
CA VAL D 205 4.48 33.08 -6.61
C VAL D 205 4.42 34.49 -6.02
N GLU D 206 5.39 35.30 -6.42
CA GLU D 206 5.48 36.68 -5.95
C GLU D 206 4.22 37.49 -6.32
N ALA D 207 3.70 37.25 -7.53
CA ALA D 207 2.47 37.92 -7.97
C ALA D 207 1.26 37.45 -7.15
N LEU D 208 1.19 36.16 -6.88
CA LEU D 208 0.09 35.61 -6.11
C LEU D 208 0.11 36.21 -4.72
N HIS D 209 1.29 36.27 -4.12
CA HIS D 209 1.40 36.84 -2.79
C HIS D 209 0.89 38.29 -2.76
N ALA D 210 1.39 39.14 -3.65
CA ALA D 210 0.93 40.53 -3.70
C ALA D 210 -0.58 40.57 -3.91
N TYR D 211 -1.09 39.80 -4.83
CA TYR D 211 -2.52 39.75 -5.07
C TYR D 211 -3.34 39.36 -3.84
N VAL D 212 -2.90 38.37 -3.12
CA VAL D 212 -3.67 37.85 -2.04
C VAL D 212 -3.68 38.89 -0.96
N SER D 213 -2.56 39.54 -0.82
CA SER D 213 -2.44 40.53 0.18
C SER D 213 -3.18 41.84 -0.11
N ILE D 214 -3.34 42.17 -1.37
CA ILE D 214 -4.16 43.32 -1.75
C ILE D 214 -5.66 43.01 -1.80
N ASN D 215 -6.00 41.83 -2.32
CA ASN D 215 -7.38 41.45 -2.52
C ASN D 215 -8.02 40.58 -1.42
N HIS D 216 -7.21 40.10 -0.49
CA HIS D 216 -7.74 39.46 0.71
C HIS D 216 -7.05 40.06 1.93
N PRO D 217 -7.20 41.38 2.11
CA PRO D 217 -6.43 42.16 3.11
C PRO D 217 -6.63 41.67 4.53
N HIS D 218 -7.80 41.12 4.85
CA HIS D 218 -8.05 40.65 6.21
C HIS D 218 -8.13 39.13 6.30
N ASP D 219 -7.58 38.48 5.28
CA ASP D 219 -7.50 37.01 5.29
C ASP D 219 -6.11 36.54 4.88
N PRO D 220 -5.11 36.85 5.72
CA PRO D 220 -3.70 36.55 5.43
C PRO D 220 -3.43 35.05 5.17
N LEU D 221 -4.05 34.14 5.94
CA LEU D 221 -3.83 32.69 5.75
C LEU D 221 -4.19 32.13 4.37
N MET D 222 -4.95 32.91 3.61
CA MET D 222 -5.30 32.55 2.23
C MET D 222 -4.07 32.13 1.42
N PHE D 223 -2.99 32.87 1.55
CA PHE D 223 -1.76 32.57 0.81
C PHE D 223 -1.10 31.21 1.18
N PRO D 224 -0.82 30.99 2.47
CA PRO D 224 -0.23 29.69 2.79
C PRO D 224 -1.21 28.57 2.46
N ARG D 225 -2.51 28.80 2.57
CA ARG D 225 -3.47 27.73 2.29
C ARG D 225 -3.45 27.37 0.82
N MET D 226 -3.30 28.37 -0.03
CA MET D 226 -3.19 28.14 -1.47
C MET D 226 -1.95 27.35 -1.85
N LEU D 227 -0.81 27.71 -1.26
CA LEU D 227 0.43 26.98 -1.56
C LEU D 227 0.37 25.54 -1.07
N MET D 228 -0.24 25.32 0.08
CA MET D 228 -0.34 23.95 0.61
C MET D 228 -1.16 23.06 -0.33
N LYS D 229 -2.05 23.66 -1.11
CA LYS D 229 -2.81 22.92 -2.13
C LYS D 229 -1.88 22.31 -3.17
N LEU D 230 -0.73 22.94 -3.42
CA LEU D 230 0.26 22.35 -4.32
C LEU D 230 0.87 21.05 -3.77
N VAL D 231 0.88 20.92 -2.44
CA VAL D 231 1.34 19.70 -1.77
C VAL D 231 0.32 18.56 -1.99
N SER D 232 -0.94 18.82 -1.69
CA SER D 232 -2.02 17.87 -1.96
C SER D 232 -2.03 17.34 -3.40
N LEU D 233 -1.75 18.23 -4.36
CA LEU D 233 -1.72 17.84 -5.75
C LEU D 233 -0.75 16.68 -6.02
N ARG D 234 0.40 16.72 -5.35
CA ARG D 234 1.41 15.66 -5.53
C ARG D 234 0.88 14.28 -5.10
N THR D 235 0.11 14.28 -4.03
CA THR D 235 -0.51 13.06 -3.55
C THR D 235 -1.55 12.58 -4.55
N LEU D 236 -2.42 13.51 -4.98
CA LEU D 236 -3.49 13.19 -5.93
C LEU D 236 -2.93 12.69 -7.26
N SER D 237 -1.78 13.22 -7.65
CA SER D 237 -1.14 12.75 -8.85
C SER D 237 -0.73 11.30 -8.69
N SER D 238 -0.18 10.97 -7.53
CA SER D 238 0.18 9.59 -7.24
C SER D 238 -1.07 8.70 -7.22
N VAL D 239 -2.14 9.17 -6.59
CA VAL D 239 -3.37 8.42 -6.57
C VAL D 239 -3.88 8.22 -8.00
N HIS D 240 -3.72 9.24 -8.85
CA HIS D 240 -4.17 9.15 -10.22
C HIS D 240 -3.39 8.09 -11.00
N SER D 241 -2.08 8.07 -10.82
CA SER D 241 -1.31 7.06 -11.50
C SER D 241 -1.68 5.61 -11.06
N GLU D 242 -2.06 5.42 -9.78
CA GLU D 242 -2.56 4.11 -9.35
C GLU D 242 -3.87 3.78 -10.07
N GLN D 243 -4.67 4.81 -10.30
CA GLN D 243 -5.94 4.63 -10.99
C GLN D 243 -5.68 4.21 -12.45
N VAL D 244 -4.62 4.73 -13.05
CA VAL D 244 -4.29 4.35 -14.42
C VAL D 244 -3.92 2.87 -14.51
N PHE D 245 -3.15 2.39 -13.55
CA PHE D 245 -2.79 0.98 -13.53
C PHE D 245 -4.04 0.11 -13.37
N ALA D 246 -4.92 0.52 -12.47
CA ALA D 246 -6.12 -0.24 -12.18
C ALA D 246 -6.99 -0.42 -13.43
N LEU D 247 -7.02 0.59 -14.29
CA LEU D 247 -7.81 0.52 -15.51
C LEU D 247 -7.28 -0.54 -16.45
N ARG D 248 -5.96 -0.70 -16.49
CA ARG D 248 -5.34 -1.77 -17.28
C ARG D 248 -5.87 -3.15 -16.90
N LEU D 249 -6.09 -3.37 -15.60
CA LEU D 249 -6.64 -4.63 -15.12
C LEU D 249 -8.05 -4.86 -15.65
N GLN D 250 -8.56 -3.90 -16.41
CA GLN D 250 -9.83 -4.07 -17.10
C GLN D 250 -9.58 -4.00 -18.61
N ASP D 251 -10.57 -3.55 -19.37
CA ASP D 251 -10.30 -3.28 -20.78
C ASP D 251 -9.55 -1.96 -20.91
N LYS D 252 -9.98 -0.98 -20.12
CA LYS D 252 -9.61 0.43 -20.30
C LYS D 252 -8.13 0.71 -20.50
N LYS D 253 -7.70 0.68 -21.76
CA LYS D 253 -6.39 1.20 -22.12
C LYS D 253 -6.59 2.69 -22.41
N LEU D 254 -5.56 3.51 -22.17
CA LEU D 254 -5.65 4.93 -22.47
C LEU D 254 -5.39 5.20 -23.95
N PRO D 255 -6.20 6.07 -24.58
CA PRO D 255 -5.92 6.52 -25.94
C PRO D 255 -4.50 7.08 -26.04
N PRO D 256 -3.87 6.99 -27.23
CA PRO D 256 -2.45 7.29 -27.46
C PRO D 256 -1.89 8.59 -26.86
N LEU D 257 -2.65 9.68 -26.81
CA LEU D 257 -2.09 10.90 -26.23
C LEU D 257 -1.96 10.77 -24.70
N LEU D 258 -3.07 10.38 -24.08
CA LEU D 258 -3.10 10.18 -22.64
C LEU D 258 -2.11 9.09 -22.25
N SER D 259 -1.87 8.16 -23.17
CA SER D 259 -0.96 7.04 -22.93
C SER D 259 0.48 7.51 -22.66
N GLU D 260 1.04 8.34 -23.54
CA GLU D 260 2.41 8.76 -23.32
C GLU D 260 2.57 9.76 -22.14
N ILE D 261 1.53 10.53 -21.88
CA ILE D 261 1.52 11.45 -20.74
C ILE D 261 1.52 10.66 -19.44
N TRP D 262 0.60 9.70 -19.35
CA TRP D 262 0.33 9.02 -18.08
C TRP D 262 0.77 7.57 -17.93
N ASP D 263 0.68 6.76 -18.98
CA ASP D 263 0.97 5.34 -18.84
C ASP D 263 2.35 5.13 -18.22
N VAL D 264 3.36 5.27 -19.06
CA VAL D 264 4.75 5.06 -18.67
C VAL D 264 5.67 5.50 -19.82
C1 REA E . 9.27 -9.11 -9.96
C2 REA E . 10.72 -9.36 -9.60
C3 REA E . 11.28 -10.50 -10.42
C4 REA E . 10.58 -11.77 -10.03
C5 REA E . 9.11 -11.58 -10.25
C6 REA E . 8.54 -10.37 -10.21
C7 REA E . 7.13 -10.24 -10.43
C8 REA E . 6.53 -10.73 -11.52
C9 REA E . 5.13 -10.59 -11.73
C10 REA E . 4.47 -10.99 -12.82
C11 REA E . 5.00 -11.65 -13.98
C12 REA E . 4.12 -12.05 -14.90
C13 REA E . 4.41 -12.74 -16.14
C14 REA E . 3.39 -13.30 -16.80
C15 REA E . 3.73 -14.02 -18.10
C16 REA E . 9.21 -8.25 -11.20
C17 REA E . 8.63 -8.38 -8.81
C18 REA E . 8.31 -12.81 -10.51
C19 REA E . 4.38 -9.93 -10.63
C20 REA E . 5.83 -12.75 -16.58
O1 REA E . 2.83 -14.81 -18.50
O2 REA E . 4.84 -13.76 -18.61
C1 LO2 F . -6.19 -8.66 17.96
C2 LO2 F . -5.81 -10.05 18.41
C3 LO2 F . -4.35 -10.30 18.12
C4 LO2 F . -3.70 -11.10 19.23
N5 LO2 F . -2.49 -11.69 18.69
C6 LO2 F . -2.34 -13.14 18.70
C7 LO2 F . -1.95 -13.64 20.05
C8 LO2 F . -1.53 -12.71 20.96
C9 LO2 F . -1.15 -13.14 22.21
CL10 LO2 F . -0.62 -11.99 23.36
C11 LO2 F . -1.18 -14.46 22.55
O12 LO2 F . -0.77 -14.80 23.83
C13 LO2 F . -1.70 -15.75 24.31
C14 LO2 F . -1.60 -15.40 21.64
O15 LO2 F . -1.60 -16.75 22.02
C16 LO2 F . -2.67 -17.39 21.34
C17 LO2 F . -1.99 -14.99 20.37
C18 LO2 F . -1.32 -10.88 18.72
C19 LO2 F . -0.07 -11.39 18.37
C20 LO2 F . 1.07 -10.62 18.38
C21 LO2 F . 1.03 -9.28 18.75
C22 LO2 F . -0.20 -8.78 19.10
C23 LO2 F . -1.35 -9.55 19.08
C24 LO2 F . 2.30 -8.46 18.78
O25 LO2 F . 3.32 -9.10 18.01
C26 LO2 F . 2.14 -7.07 18.20
F27 LO2 F . 1.44 -6.25 19.04
F28 LO2 F . 3.36 -6.50 18.01
F29 LO2 F . 1.49 -7.10 17.01
C30 LO2 F . 2.76 -8.38 20.24
F31 LO2 F . 3.16 -9.60 20.69
F32 LO2 F . 3.80 -7.52 20.39
F33 LO2 F . 1.80 -7.94 21.09
C1 REA G . 15.51 4.79 0.32
C2 REA G . 16.11 4.79 -1.06
C3 REA G . 17.38 5.60 -0.99
C4 REA G . 17.01 7.05 -0.84
C5 REA G . 16.12 7.21 0.33
C6 REA G . 15.44 6.19 0.86
C7 REA G . 14.60 6.37 2.00
C8 REA G . 15.01 6.91 3.15
C9 REA G . 14.10 7.06 4.23
C10 REA G . 14.47 7.43 5.46
C11 REA G . 15.82 7.75 5.87
C12 REA G . 16.07 8.17 7.10
C13 REA G . 17.36 8.53 7.60
C14 REA G . 17.47 9.16 8.78
C15 REA G . 18.86 9.54 9.23
C16 REA G . 16.35 3.92 1.21
C17 REA G . 14.11 4.23 0.27
C18 REA G . 16.03 8.58 0.90
C19 REA G . 12.68 6.75 3.90
C20 REA G . 18.52 8.22 6.74
O1 REA G . 18.88 10.55 10.01
O2 REA G . 19.82 8.86 8.80
C1 LO2 H . -13.36 12.02 -10.44
C2 LO2 H . -13.04 13.37 -11.04
C3 LO2 H . -11.65 13.33 -11.63
C4 LO2 H . -11.69 13.75 -13.09
N5 LO2 H . -10.33 13.89 -13.52
C6 LO2 H . -9.80 15.23 -13.76
C7 LO2 H . -10.27 15.82 -15.03
C8 LO2 H . -10.91 15.00 -15.91
C9 LO2 H . -11.36 15.50 -17.10
CL10 LO2 H . -12.15 14.40 -18.14
C11 LO2 H . -11.18 16.82 -17.44
O12 LO2 H . -11.63 17.28 -18.67
C13 LO2 H . -12.86 17.98 -18.48
C14 LO2 H . -10.53 17.65 -16.56
O15 LO2 H . -10.34 18.98 -16.92
C16 LO2 H . -11.22 19.73 -16.08
C17 LO2 H . -10.08 17.15 -15.35
C18 LO2 H . -9.78 12.79 -14.23
C19 LO2 H . -8.57 12.86 -14.87
C20 LO2 H . -8.03 11.79 -15.54
C21 LO2 H . -8.71 10.60 -15.60
C22 LO2 H . -9.92 10.50 -14.96
C23 LO2 H . -10.45 11.58 -14.28
C24 LO2 H . -8.11 9.44 -16.35
O25 LO2 H . -6.73 9.66 -16.58
C26 LO2 H . -8.20 8.13 -15.59
F27 LO2 H . -9.44 7.58 -15.68
F28 LO2 H . -7.33 7.23 -16.10
F29 LO2 H . -7.91 8.26 -14.27
C30 LO2 H . -8.81 9.32 -17.71
F31 LO2 H . -8.58 10.41 -18.47
F32 LO2 H . -8.36 8.25 -18.42
F33 LO2 H . -10.15 9.20 -17.58
#